data_8I1O
#
_entry.id   8I1O
#
_cell.length_a   64.725
_cell.length_b   53.035
_cell.length_c   130.639
_cell.angle_alpha   90.00
_cell.angle_beta   102.44
_cell.angle_gamma   90.00
#
_symmetry.space_group_name_H-M   'P 1 21 1'
#
loop_
_entity.id
_entity.type
_entity.pdbx_description
1 polymer "Bifunctional 3'-phosphoadenosine 5'-phosphosulfate synthase 2"
2 non-polymer "ADENOSINE-5'-DIPHOSPHATE"
3 non-polymer "ADENOSINE-5'-PHOSPHOSULFATE"
4 water water
#
_entity_poly.entity_id   1
_entity_poly.type   'polypeptide(L)'
_entity_poly.pdbx_seq_one_letter_code
;TNVVYQAHHVSRNKRGQVVGTRGGFRGCTVWLTGLSGAGKTTISFALEEYLVSHAIPCYSLDGDNVRHGLNRNLGFSPGD
REENIRRIAEVAKLFADAGLVCITSFISPFAKDRENARKIHESAGLPFFEIFVDAPLNICESRDVKGLYKRARAGEIKGF
TGIDSDYEKPETPERVLKTNLSTVSDCVHQVVELLQEQNIVPY
;
_entity_poly.pdbx_strand_id   A,B,C,D
#
loop_
_chem_comp.id
_chem_comp.type
_chem_comp.name
_chem_comp.formula
ADP non-polymer ADENOSINE-5'-DIPHOSPHATE 'C10 H15 N5 O10 P2'
ADX RNA linking ADENOSINE-5'-PHOSPHOSULFATE 'C10 H14 N5 O10 P S'
#
# COMPACT_ATOMS: atom_id res chain seq x y z
N HIS A 9 8.08 -23.94 22.26
CA HIS A 9 6.87 -24.24 21.50
C HIS A 9 6.65 -25.73 21.34
N VAL A 10 5.46 -26.12 20.84
CA VAL A 10 5.21 -27.51 20.46
C VAL A 10 6.09 -27.87 19.27
N SER A 11 6.61 -29.08 19.29
CA SER A 11 7.51 -29.59 18.27
C SER A 11 6.85 -29.88 16.92
N ARG A 12 7.69 -29.82 15.87
CA ARG A 12 7.29 -30.23 14.54
C ARG A 12 6.66 -31.61 14.55
N ASN A 13 7.23 -32.55 15.32
CA ASN A 13 6.68 -33.89 15.39
C ASN A 13 5.30 -33.93 16.04
N LYS A 14 5.04 -33.10 17.03
CA LYS A 14 3.65 -33.02 17.52
C LYS A 14 2.76 -32.35 16.48
N ARG A 15 3.20 -31.19 15.94
CA ARG A 15 2.44 -30.60 14.83
C ARG A 15 2.16 -31.60 13.70
N GLY A 16 3.01 -32.60 13.51
CA GLY A 16 2.75 -33.53 12.44
C GLY A 16 1.53 -34.38 12.72
N GLN A 17 1.20 -34.56 14.01
CA GLN A 17 0.04 -35.37 14.39
C GLN A 17 -1.26 -34.64 14.08
N VAL A 18 -1.33 -33.32 14.34
CA VAL A 18 -2.60 -32.59 14.40
C VAL A 18 -2.89 -31.84 13.09
N VAL A 19 -1.83 -31.47 12.36
CA VAL A 19 -2.00 -30.78 11.08
C VAL A 19 -2.49 -31.80 10.06
N GLY A 20 -3.71 -31.67 9.63
CA GLY A 20 -4.18 -32.61 8.63
C GLY A 20 -4.39 -34.01 9.19
N THR A 21 -4.69 -34.91 8.26
CA THR A 21 -5.07 -36.28 8.59
C THR A 21 -3.97 -37.35 8.57
N ARG A 22 -3.49 -37.64 7.37
CA ARG A 22 -2.27 -38.39 7.04
C ARG A 22 -1.09 -38.46 8.02
N GLY A 23 -0.91 -37.50 8.91
CA GLY A 23 0.15 -37.52 9.91
C GLY A 23 1.54 -37.51 9.31
N GLY A 24 2.48 -36.93 10.03
CA GLY A 24 3.85 -36.88 9.57
C GLY A 24 4.08 -35.39 9.44
N PHE A 25 5.31 -34.91 9.59
CA PHE A 25 5.54 -33.49 9.45
C PHE A 25 5.84 -33.22 7.97
N ARG A 26 4.92 -32.57 7.25
CA ARG A 26 5.05 -32.34 5.81
C ARG A 26 5.22 -30.86 5.46
N GLY A 27 5.63 -30.03 6.43
CA GLY A 27 5.92 -28.63 6.12
C GLY A 27 7.04 -28.52 5.11
N CYS A 28 6.89 -27.54 4.19
CA CYS A 28 7.87 -27.24 3.14
C CYS A 28 7.34 -26.03 2.37
N THR A 29 8.21 -25.50 1.51
CA THR A 29 7.89 -24.42 0.59
C THR A 29 8.13 -24.81 -0.85
N VAL A 30 7.09 -24.68 -1.67
CA VAL A 30 7.20 -24.77 -3.11
C VAL A 30 7.40 -23.34 -3.59
N TRP A 31 8.59 -23.03 -4.09
CA TRP A 31 8.94 -21.66 -4.49
C TRP A 31 8.92 -21.47 -6.01
N LEU A 32 7.84 -20.86 -6.53
CA LEU A 32 7.68 -20.64 -7.98
C LEU A 32 8.38 -19.34 -8.38
N THR A 33 9.11 -19.37 -9.48
CA THR A 33 9.85 -18.22 -9.97
C THR A 33 9.76 -18.15 -11.48
N GLY A 34 9.69 -16.93 -12.01
CA GLY A 34 9.62 -16.79 -13.45
C GLY A 34 8.99 -15.49 -13.87
N LEU A 35 9.00 -15.28 -15.17
CA LEU A 35 8.61 -14.00 -15.76
C LEU A 35 7.14 -13.71 -15.44
N SER A 36 6.80 -12.43 -15.45
CA SER A 36 5.40 -12.01 -15.38
C SER A 36 4.57 -12.66 -16.47
N GLY A 37 3.50 -13.34 -16.08
CA GLY A 37 2.67 -14.00 -17.06
C GLY A 37 3.14 -15.39 -17.47
N ALA A 38 4.29 -15.84 -16.95
CA ALA A 38 4.77 -17.19 -17.27
C ALA A 38 3.88 -18.29 -16.72
N GLY A 39 3.05 -18.00 -15.71
CA GLY A 39 2.17 -19.02 -15.16
C GLY A 39 2.32 -19.40 -13.69
N LYS A 40 3.01 -18.60 -12.88
CA LYS A 40 3.17 -18.94 -11.47
C LYS A 40 1.81 -19.03 -10.75
N THR A 41 0.99 -17.99 -10.87
CA THR A 41 -0.33 -17.97 -10.23
C THR A 41 -1.22 -19.14 -10.64
N THR A 42 -1.29 -19.43 -11.94
CA THR A 42 -2.08 -20.57 -12.40
C THR A 42 -1.60 -21.87 -11.78
N ILE A 43 -0.29 -22.11 -11.84
CA ILE A 43 0.22 -23.36 -11.30
C ILE A 43 0.00 -23.39 -9.81
N SER A 44 0.11 -22.24 -9.14
CA SER A 44 0.01 -22.26 -7.70
C SER A 44 -1.39 -22.60 -7.25
N PHE A 45 -2.41 -22.04 -7.93
CA PHE A 45 -3.81 -22.41 -7.65
C PHE A 45 -4.07 -23.88 -7.94
N ALA A 46 -3.65 -24.37 -9.10
CA ALA A 46 -3.98 -25.76 -9.44
C ALA A 46 -3.27 -26.73 -8.50
N LEU A 47 -2.04 -26.40 -8.12
CA LEU A 47 -1.37 -27.17 -7.08
C LEU A 47 -2.13 -27.15 -5.77
N GLU A 48 -2.52 -25.94 -5.33
CA GLU A 48 -3.35 -25.81 -4.14
C GLU A 48 -4.63 -26.67 -4.17
N GLU A 49 -5.39 -26.64 -5.27
CA GLU A 49 -6.55 -27.55 -5.38
C GLU A 49 -6.14 -29.01 -5.27
N TYR A 50 -5.07 -29.41 -5.98
CA TYR A 50 -4.61 -30.80 -5.84
C TYR A 50 -4.33 -31.13 -4.37
N LEU A 51 -3.66 -30.22 -3.65
CA LEU A 51 -3.23 -30.52 -2.30
C LEU A 51 -4.43 -30.66 -1.34
N VAL A 52 -5.35 -29.69 -1.40
CA VAL A 52 -6.55 -29.74 -0.55
C VAL A 52 -7.39 -30.98 -0.87
N SER A 53 -7.54 -31.28 -2.17
CA SER A 53 -8.26 -32.46 -2.62
C SER A 53 -7.66 -33.75 -2.09
N HIS A 54 -6.38 -33.74 -1.74
CA HIS A 54 -5.72 -34.91 -1.19
C HIS A 54 -5.40 -34.77 0.29
N ALA A 55 -6.00 -33.79 0.96
CA ALA A 55 -6.00 -33.73 2.41
C ALA A 55 -4.62 -33.32 2.96
N ILE A 56 -3.84 -32.57 2.19
CA ILE A 56 -2.60 -31.98 2.66
C ILE A 56 -2.82 -30.47 2.88
N PRO A 57 -2.87 -29.99 4.11
CA PRO A 57 -3.06 -28.54 4.37
C PRO A 57 -1.98 -27.72 3.67
N CYS A 58 -2.37 -26.68 2.94
CA CYS A 58 -1.45 -25.82 2.19
C CYS A 58 -1.93 -24.38 2.18
N TYR A 59 -1.05 -23.47 1.74
CA TYR A 59 -1.43 -22.06 1.62
C TYR A 59 -0.62 -21.34 0.54
N SER A 60 -1.26 -20.45 -0.21
CA SER A 60 -0.64 -19.81 -1.35
C SER A 60 -0.33 -18.37 -0.97
N LEU A 61 0.93 -17.98 -1.16
CA LEU A 61 1.35 -16.60 -1.04
C LEU A 61 1.58 -16.06 -2.45
N ASP A 62 1.00 -14.91 -2.75
CA ASP A 62 1.25 -14.28 -4.04
C ASP A 62 1.17 -12.77 -3.86
N GLY A 63 1.24 -12.02 -4.95
CA GLY A 63 1.14 -10.58 -4.87
C GLY A 63 -0.18 -10.09 -4.31
N ASP A 64 -1.27 -10.79 -4.64
CA ASP A 64 -2.59 -10.42 -4.13
C ASP A 64 -2.67 -10.39 -2.61
N ASN A 65 -2.18 -11.43 -1.92
CA ASN A 65 -2.31 -11.33 -0.47
C ASN A 65 -1.07 -10.74 0.21
N VAL A 66 0.03 -10.58 -0.49
CA VAL A 66 1.27 -10.02 0.06
C VAL A 66 1.48 -8.57 -0.35
N ARG A 67 1.39 -8.31 -1.66
CA ARG A 67 1.90 -7.04 -2.14
C ARG A 67 1.14 -5.83 -1.65
N HIS A 68 -0.17 -5.91 -1.40
CA HIS A 68 -0.90 -4.77 -0.85
C HIS A 68 -1.24 -4.98 0.61
N GLY A 69 -0.45 -5.78 1.31
CA GLY A 69 -0.69 -6.06 2.71
C GLY A 69 0.64 -5.97 3.43
N LEU A 70 1.23 -7.10 3.76
CA LEU A 70 2.54 -7.12 4.40
C LEU A 70 3.53 -6.20 3.68
N ASN A 71 3.58 -6.30 2.36
CA ASN A 71 4.55 -5.62 1.51
C ASN A 71 3.97 -4.43 0.74
N ARG A 72 2.87 -3.84 1.20
CA ARG A 72 2.25 -2.72 0.51
C ARG A 72 3.17 -1.48 0.51
N ASN A 73 4.18 -1.42 1.39
CA ASN A 73 5.11 -0.29 1.44
C ASN A 73 6.38 -0.53 0.62
N LEU A 74 6.36 -1.52 -0.26
CA LEU A 74 7.47 -1.87 -1.11
C LEU A 74 7.13 -1.60 -2.57
N GLY A 75 8.08 -1.04 -3.33
CA GLY A 75 7.89 -0.93 -4.78
C GLY A 75 8.78 -1.92 -5.52
N PHE A 76 9.31 -1.54 -6.70
CA PHE A 76 10.01 -2.47 -7.60
C PHE A 76 11.49 -2.13 -7.84
N SER A 77 12.05 -1.20 -7.06
CA SER A 77 13.47 -0.93 -7.16
C SER A 77 14.20 -2.19 -6.71
N PRO A 78 15.46 -2.38 -7.13
CA PRO A 78 16.21 -3.58 -6.69
C PRO A 78 16.23 -3.79 -5.16
N GLY A 79 16.45 -2.72 -4.38
CA GLY A 79 16.41 -2.87 -2.94
C GLY A 79 15.03 -3.28 -2.47
N ASP A 80 13.98 -2.71 -3.08
CA ASP A 80 12.62 -3.09 -2.68
C ASP A 80 12.27 -4.52 -3.13
N ARG A 81 12.76 -4.98 -4.30
CA ARG A 81 12.43 -6.35 -4.67
C ARG A 81 13.13 -7.31 -3.74
N GLU A 82 14.29 -6.90 -3.25
CA GLU A 82 15.04 -7.74 -2.34
C GLU A 82 14.39 -7.80 -0.97
N GLU A 83 13.89 -6.66 -0.46
CA GLU A 83 13.11 -6.74 0.77
C GLU A 83 11.82 -7.52 0.57
N ASN A 84 11.11 -7.29 -0.54
CA ASN A 84 9.91 -8.05 -0.85
C ASN A 84 10.18 -9.55 -0.68
N ILE A 85 11.25 -10.01 -1.32
CA ILE A 85 11.50 -11.44 -1.37
C ILE A 85 12.02 -11.91 -0.01
N ARG A 86 12.73 -11.04 0.71
CA ARG A 86 13.21 -11.43 2.03
C ARG A 86 12.03 -11.68 2.98
N ARG A 87 11.12 -10.70 3.09
CA ARG A 87 9.95 -10.83 3.96
C ARG A 87 9.12 -12.06 3.58
N ILE A 88 8.81 -12.22 2.30
CA ILE A 88 8.14 -13.41 1.78
C ILE A 88 8.82 -14.69 2.25
N ALA A 89 10.15 -14.77 2.12
CA ALA A 89 10.85 -15.99 2.52
C ALA A 89 10.68 -16.25 4.02
N GLU A 90 10.75 -15.20 4.84
CA GLU A 90 10.61 -15.40 6.28
C GLU A 90 9.20 -15.91 6.60
N VAL A 91 8.19 -15.35 5.93
CA VAL A 91 6.82 -15.75 6.22
C VAL A 91 6.57 -17.19 5.76
N ALA A 92 7.00 -17.50 4.53
CA ALA A 92 6.98 -18.87 4.03
C ALA A 92 7.60 -19.83 5.02
N LYS A 93 8.79 -19.48 5.54
CA LYS A 93 9.39 -20.32 6.55
C LYS A 93 8.44 -20.54 7.73
N LEU A 94 7.73 -19.49 8.16
CA LEU A 94 6.75 -19.68 9.22
C LEU A 94 5.62 -20.64 8.85
N PHE A 95 5.10 -20.59 7.60
CA PHE A 95 4.07 -21.55 7.20
C PHE A 95 4.62 -22.98 7.07
N ALA A 96 5.82 -23.15 6.53
CA ALA A 96 6.45 -24.46 6.49
C ALA A 96 6.60 -24.99 7.91
N ASP A 97 7.12 -24.15 8.81
CA ASP A 97 7.34 -24.55 10.20
C ASP A 97 6.05 -24.90 10.92
N ALA A 98 4.93 -24.26 10.53
CA ALA A 98 3.63 -24.63 11.09
C ALA A 98 3.10 -25.96 10.55
N GLY A 99 3.77 -26.54 9.55
CA GLY A 99 3.40 -27.83 8.97
C GLY A 99 2.62 -27.76 7.67
N LEU A 100 2.37 -26.57 7.14
CA LEU A 100 1.69 -26.44 5.86
C LEU A 100 2.64 -26.47 4.66
N VAL A 101 2.08 -26.85 3.51
CA VAL A 101 2.80 -26.67 2.25
C VAL A 101 2.56 -25.22 1.82
N CYS A 102 3.60 -24.41 1.82
CA CYS A 102 3.51 -23.02 1.42
C CYS A 102 3.96 -22.89 -0.02
N ILE A 103 3.09 -22.36 -0.88
CA ILE A 103 3.37 -22.18 -2.31
C ILE A 103 3.49 -20.70 -2.63
N THR A 104 4.67 -20.25 -3.09
CA THR A 104 4.84 -18.84 -3.38
C THR A 104 4.89 -18.63 -4.90
N SER A 105 4.35 -17.49 -5.34
CA SER A 105 4.28 -17.20 -6.78
C SER A 105 4.77 -15.80 -7.10
N PHE A 106 5.99 -15.47 -6.69
CA PHE A 106 6.63 -14.19 -6.95
C PHE A 106 7.64 -14.41 -8.08
N ILE A 107 7.70 -13.45 -9.01
CA ILE A 107 8.76 -13.49 -10.04
C ILE A 107 10.14 -13.74 -9.47
N SER A 108 10.40 -13.19 -8.35
CA SER A 108 11.64 -13.31 -7.62
C SER A 108 12.83 -13.39 -8.59
N PRO A 109 13.17 -12.24 -9.19
CA PRO A 109 14.05 -12.19 -10.36
C PRO A 109 15.50 -12.53 -10.14
N PHE A 110 16.01 -12.22 -8.96
CA PHE A 110 17.44 -12.26 -8.70
C PHE A 110 17.81 -13.57 -8.01
N ALA A 111 18.79 -14.28 -8.58
CA ALA A 111 19.27 -15.54 -7.99
C ALA A 111 19.64 -15.39 -6.52
N LYS A 112 20.32 -14.29 -6.17
CA LYS A 112 20.79 -14.04 -4.82
C LYS A 112 19.66 -14.13 -3.80
N ASP A 113 18.53 -13.44 -4.08
CA ASP A 113 17.36 -13.50 -3.22
C ASP A 113 16.75 -14.88 -3.14
N ARG A 114 16.76 -15.64 -4.24
CA ARG A 114 16.15 -16.97 -4.21
C ARG A 114 17.00 -17.85 -3.32
N GLU A 115 18.33 -17.74 -3.47
CA GLU A 115 19.23 -18.58 -2.70
C GLU A 115 19.20 -18.19 -1.24
N ASN A 116 18.98 -16.90 -0.94
CA ASN A 116 18.69 -16.51 0.45
C ASN A 116 17.40 -17.10 0.98
N ALA A 117 16.32 -17.08 0.20
CA ALA A 117 15.12 -17.79 0.63
C ALA A 117 15.41 -19.26 0.95
N ARG A 118 16.10 -19.95 0.02
CA ARG A 118 16.45 -21.35 0.26
C ARG A 118 17.26 -21.51 1.54
N LYS A 119 18.25 -20.65 1.76
CA LYS A 119 19.12 -20.78 2.91
C LYS A 119 18.31 -20.62 4.19
N ILE A 120 17.35 -19.69 4.19
CA ILE A 120 16.53 -19.51 5.40
C ILE A 120 15.71 -20.77 5.67
N HIS A 121 15.24 -21.46 4.64
CA HIS A 121 14.55 -22.76 4.83
C HIS A 121 15.50 -23.90 5.26
N GLU A 122 16.64 -24.04 4.59
CA GLU A 122 17.57 -25.13 4.88
C GLU A 122 18.14 -25.02 6.29
N SER A 123 18.55 -23.80 6.70
CA SER A 123 19.01 -23.60 8.07
C SER A 123 17.99 -24.09 9.09
N ALA A 124 16.70 -23.92 8.79
CA ALA A 124 15.61 -24.31 9.67
C ALA A 124 15.19 -25.77 9.48
N GLY A 125 15.91 -26.52 8.67
CA GLY A 125 15.53 -27.89 8.33
C GLY A 125 14.23 -28.05 7.56
N LEU A 126 13.85 -27.07 6.74
CA LEU A 126 12.57 -27.19 6.01
C LEU A 126 12.84 -27.37 4.54
N PRO A 127 12.20 -28.31 3.88
CA PRO A 127 12.43 -28.48 2.46
C PRO A 127 12.01 -27.23 1.68
N PHE A 128 12.82 -26.87 0.69
CA PHE A 128 12.58 -25.73 -0.19
C PHE A 128 12.68 -26.25 -1.62
N PHE A 129 11.58 -26.18 -2.36
CA PHE A 129 11.57 -26.64 -3.73
C PHE A 129 11.41 -25.46 -4.69
N GLU A 130 12.47 -25.14 -5.42
CA GLU A 130 12.46 -24.04 -6.37
C GLU A 130 11.99 -24.56 -7.71
N ILE A 131 10.99 -23.91 -8.28
CA ILE A 131 10.28 -24.40 -9.45
C ILE A 131 10.36 -23.30 -10.50
N PHE A 132 11.16 -23.52 -11.53
CA PHE A 132 11.31 -22.55 -12.60
C PHE A 132 10.12 -22.68 -13.55
N VAL A 133 9.23 -21.69 -13.50
CA VAL A 133 8.07 -21.64 -14.37
C VAL A 133 8.56 -20.90 -15.61
N ASP A 134 8.88 -21.65 -16.65
CA ASP A 134 9.69 -21.17 -17.76
C ASP A 134 8.83 -21.04 -19.01
N ALA A 135 8.57 -19.80 -19.42
CA ALA A 135 7.95 -19.56 -20.71
C ALA A 135 8.79 -18.50 -21.41
N PRO A 136 8.81 -18.48 -22.75
CA PRO A 136 9.54 -17.41 -23.46
C PRO A 136 8.92 -16.04 -23.25
N LEU A 137 9.80 -15.04 -23.24
CA LEU A 137 9.34 -13.66 -23.01
C LEU A 137 8.25 -13.24 -23.98
N ASN A 138 8.45 -13.51 -25.27
CA ASN A 138 7.45 -13.17 -26.28
C ASN A 138 6.10 -13.81 -25.97
N ILE A 139 6.11 -15.05 -25.49
CA ILE A 139 4.88 -15.72 -25.11
C ILE A 139 4.21 -15.06 -23.91
N CYS A 140 4.99 -14.76 -22.87
CA CYS A 140 4.44 -13.98 -21.74
C CYS A 140 3.87 -12.65 -22.21
N GLU A 141 4.55 -11.97 -23.12
CA GLU A 141 4.11 -10.66 -23.58
C GLU A 141 2.84 -10.79 -24.42
N SER A 142 2.71 -11.89 -25.18
CA SER A 142 1.49 -12.11 -25.96
C SER A 142 0.34 -12.51 -25.05
N ARG A 143 0.63 -13.06 -23.89
CA ARG A 143 -0.47 -13.38 -22.99
C ARG A 143 -0.95 -12.09 -22.37
N ASP A 144 0.00 -11.18 -22.04
CA ASP A 144 -0.19 -9.91 -21.32
C ASP A 144 -1.46 -9.98 -20.50
N VAL A 145 -1.42 -10.83 -19.47
CA VAL A 145 -2.60 -11.11 -18.67
C VAL A 145 -3.19 -9.81 -18.13
N LYS A 146 -2.33 -8.92 -17.61
CA LYS A 146 -2.80 -7.72 -16.90
C LYS A 146 -2.52 -6.44 -17.67
N GLY A 147 -1.93 -6.52 -18.85
CA GLY A 147 -1.61 -5.32 -19.62
C GLY A 147 -0.37 -4.55 -19.19
N LEU A 148 0.45 -5.12 -18.30
CA LEU A 148 1.69 -4.47 -17.90
C LEU A 148 2.71 -4.41 -19.04
N TYR A 149 2.85 -5.49 -19.82
CA TYR A 149 3.86 -5.44 -20.90
C TYR A 149 3.58 -4.29 -21.85
N LYS A 150 2.31 -4.03 -22.13
CA LYS A 150 2.04 -2.98 -23.11
C LYS A 150 2.32 -1.61 -22.52
N ARG A 151 2.06 -1.44 -21.23
CA ARG A 151 2.42 -0.20 -20.56
C ARG A 151 3.93 -0.01 -20.47
N ALA A 152 4.66 -1.05 -20.08
CA ALA A 152 6.12 -0.96 -19.98
C ALA A 152 6.76 -0.60 -21.32
N ARG A 153 6.30 -1.21 -22.41
CA ARG A 153 6.84 -0.86 -23.74
C ARG A 153 6.65 0.62 -23.99
N ALA A 154 5.54 1.18 -23.53
CA ALA A 154 5.16 2.58 -23.73
C ALA A 154 5.87 3.52 -22.75
N GLY A 155 6.69 2.98 -21.86
CA GLY A 155 7.48 3.79 -20.97
C GLY A 155 6.75 4.16 -19.71
N GLU A 156 5.51 3.71 -19.54
CA GLU A 156 4.77 3.98 -18.31
C GLU A 156 5.26 3.17 -17.13
N ILE A 157 5.92 2.02 -17.34
CA ILE A 157 6.57 1.29 -16.25
C ILE A 157 8.02 1.13 -16.65
N LYS A 158 8.93 1.38 -15.72
CA LYS A 158 10.35 1.13 -15.93
C LYS A 158 10.80 0.09 -14.93
N GLY A 159 11.98 -0.48 -15.16
CA GLY A 159 12.41 -1.49 -14.22
C GLY A 159 11.54 -2.75 -14.31
N PHE A 160 10.87 -2.97 -15.45
CA PHE A 160 9.95 -4.10 -15.64
C PHE A 160 10.71 -5.37 -16.03
N THR A 161 10.59 -6.42 -15.21
CA THR A 161 11.37 -7.66 -15.43
C THR A 161 11.16 -8.24 -16.83
N GLY A 162 12.26 -8.59 -17.50
CA GLY A 162 12.17 -9.08 -18.86
C GLY A 162 12.40 -8.06 -19.96
N ILE A 163 12.12 -6.79 -19.69
CA ILE A 163 12.27 -5.72 -20.67
C ILE A 163 13.40 -4.76 -20.31
N ASP A 164 13.28 -4.06 -19.20
CA ASP A 164 14.39 -3.23 -18.75
C ASP A 164 14.83 -3.56 -17.32
N SER A 165 14.67 -4.80 -16.87
CA SER A 165 15.45 -5.31 -15.75
C SER A 165 15.53 -6.83 -15.89
N ASP A 166 16.56 -7.38 -15.28
CA ASP A 166 16.96 -8.73 -15.62
C ASP A 166 16.12 -9.78 -14.89
N TYR A 167 15.80 -10.87 -15.58
CA TYR A 167 15.40 -12.12 -14.95
C TYR A 167 16.60 -13.06 -14.99
N GLU A 168 17.02 -13.58 -13.84
CA GLU A 168 18.15 -14.51 -13.82
C GLU A 168 17.63 -15.95 -13.74
N LYS A 169 17.66 -16.64 -14.88
CA LYS A 169 17.14 -18.00 -14.94
C LYS A 169 17.75 -18.87 -13.84
N PRO A 170 16.93 -19.58 -13.07
CA PRO A 170 17.48 -20.55 -12.11
C PRO A 170 18.41 -21.52 -12.79
N GLU A 171 19.62 -21.65 -12.25
CA GLU A 171 20.60 -22.56 -12.82
C GLU A 171 20.30 -23.99 -12.40
N THR A 172 19.95 -24.21 -11.12
CA THR A 172 19.70 -25.55 -10.58
C THR A 172 18.34 -25.73 -9.89
N PRO A 173 17.23 -25.39 -10.55
CA PRO A 173 15.93 -25.51 -9.87
C PRO A 173 15.55 -26.97 -9.70
N GLU A 174 14.58 -27.25 -8.84
CA GLU A 174 14.24 -28.65 -8.60
C GLU A 174 13.36 -29.19 -9.73
N ARG A 175 12.53 -28.33 -10.32
CA ARG A 175 11.76 -28.66 -11.52
C ARG A 175 11.76 -27.46 -12.45
N VAL A 176 11.72 -27.74 -13.75
CA VAL A 176 11.43 -26.74 -14.78
C VAL A 176 10.10 -27.11 -15.41
N LEU A 177 9.13 -26.18 -15.32
CA LEU A 177 7.82 -26.29 -15.95
C LEU A 177 7.84 -25.46 -17.23
N LYS A 178 7.85 -26.15 -18.34
CA LYS A 178 7.78 -25.47 -19.64
C LYS A 178 6.30 -25.17 -19.96
N THR A 179 5.84 -23.98 -19.54
CA THR A 179 4.41 -23.70 -19.63
C THR A 179 3.94 -23.39 -21.05
N ASN A 180 4.83 -23.17 -22.02
CA ASN A 180 4.40 -23.02 -23.41
C ASN A 180 4.39 -24.38 -24.15
N LEU A 181 4.91 -25.44 -23.51
CA LEU A 181 5.05 -26.75 -24.14
C LEU A 181 4.24 -27.81 -23.43
N SER A 182 3.44 -27.44 -22.44
CA SER A 182 2.61 -28.43 -21.80
C SER A 182 1.47 -27.75 -21.06
N THR A 183 0.54 -28.60 -20.62
CA THR A 183 -0.67 -28.15 -19.98
C THR A 183 -0.44 -27.81 -18.53
N VAL A 184 -1.40 -27.08 -17.96
CA VAL A 184 -1.35 -26.78 -16.53
C VAL A 184 -1.25 -28.09 -15.74
N SER A 185 -2.08 -29.07 -16.10
CA SER A 185 -2.12 -30.34 -15.38
C SER A 185 -0.78 -31.09 -15.42
N ASP A 186 -0.10 -31.10 -16.57
CA ASP A 186 1.24 -31.69 -16.64
C ASP A 186 2.22 -30.95 -15.73
N CYS A 187 2.15 -29.63 -15.70
CA CYS A 187 3.07 -28.85 -14.88
C CYS A 187 2.86 -29.17 -13.40
N VAL A 188 1.60 -29.14 -12.96
CA VAL A 188 1.26 -29.55 -11.61
C VAL A 188 1.83 -30.93 -11.34
N HIS A 189 1.46 -31.90 -12.17
CA HIS A 189 1.94 -33.28 -11.96
C HIS A 189 3.45 -33.34 -11.77
N GLN A 190 4.23 -32.51 -12.48
CA GLN A 190 5.69 -32.47 -12.28
C GLN A 190 6.06 -32.07 -10.87
N VAL A 191 5.32 -31.09 -10.32
CA VAL A 191 5.63 -30.65 -8.95
C VAL A 191 5.18 -31.71 -7.95
N VAL A 192 3.95 -32.20 -8.11
CA VAL A 192 3.41 -33.28 -7.29
C VAL A 192 4.38 -34.47 -7.24
N GLU A 193 4.93 -34.86 -8.40
CA GLU A 193 5.89 -35.97 -8.45
C GLU A 193 7.05 -35.68 -7.52
N LEU A 194 7.53 -34.43 -7.53
CA LEU A 194 8.64 -34.06 -6.68
C LEU A 194 8.22 -34.19 -5.21
N LEU A 195 7.01 -33.75 -4.87
CA LEU A 195 6.57 -33.87 -3.48
C LEU A 195 6.40 -35.33 -3.09
N GLN A 196 6.00 -36.19 -4.04
CA GLN A 196 5.94 -37.62 -3.77
C GLN A 196 7.34 -38.15 -3.48
N GLU A 197 8.31 -37.86 -4.35
CA GLU A 197 9.66 -38.33 -4.13
C GLU A 197 10.22 -37.93 -2.76
N GLN A 198 9.68 -36.88 -2.13
CA GLN A 198 10.14 -36.35 -0.84
C GLN A 198 9.17 -36.69 0.31
N ASN A 199 8.28 -37.63 0.09
CA ASN A 199 7.33 -38.12 1.10
C ASN A 199 6.43 -37.02 1.65
N ILE A 200 6.34 -35.90 0.91
CA ILE A 200 5.50 -34.79 1.34
C ILE A 200 4.07 -35.15 0.98
N VAL A 201 3.87 -35.85 -0.13
CA VAL A 201 2.54 -36.17 -0.67
C VAL A 201 2.46 -37.67 -0.89
N PRO A 202 1.41 -38.33 -0.42
CA PRO A 202 1.30 -39.78 -0.62
C PRO A 202 1.22 -40.14 -2.09
N TYR A 203 1.72 -41.32 -2.42
CA TYR A 203 1.45 -41.89 -3.74
C TYR A 203 -0.03 -42.34 -3.85
N HIS B 9 -8.28 -18.74 -5.69
CA HIS B 9 -7.77 -19.73 -4.73
C HIS B 9 -8.91 -20.66 -4.25
N VAL B 10 -8.57 -21.74 -3.54
CA VAL B 10 -9.57 -22.58 -2.87
C VAL B 10 -10.21 -21.83 -1.72
N SER B 11 -11.52 -22.04 -1.53
CA SER B 11 -12.26 -21.32 -0.51
C SER B 11 -11.88 -21.70 0.91
N ARG B 12 -12.08 -20.74 1.81
CA ARG B 12 -11.90 -20.93 3.24
C ARG B 12 -12.62 -22.14 3.75
N ASN B 13 -13.85 -22.33 3.31
CA ASN B 13 -14.62 -23.47 3.77
C ASN B 13 -14.07 -24.81 3.31
N LYS B 14 -13.52 -24.91 2.10
CA LYS B 14 -12.85 -26.16 1.71
C LYS B 14 -11.56 -26.39 2.50
N ARG B 15 -10.66 -25.40 2.52
CA ARG B 15 -9.46 -25.45 3.35
C ARG B 15 -9.73 -25.78 4.82
N GLY B 16 -10.89 -25.39 5.35
CA GLY B 16 -11.19 -25.66 6.76
C GLY B 16 -11.41 -27.12 7.07
N GLN B 17 -11.82 -27.88 6.08
CA GLN B 17 -12.10 -29.30 6.22
C GLN B 17 -10.81 -30.06 6.40
N VAL B 18 -9.78 -29.60 5.71
CA VAL B 18 -8.54 -30.28 5.41
C VAL B 18 -7.45 -29.90 6.42
N VAL B 19 -7.58 -28.74 7.09
CA VAL B 19 -6.51 -28.34 8.03
C VAL B 19 -6.44 -29.26 9.24
N GLY B 20 -7.56 -29.68 9.79
CA GLY B 20 -7.45 -30.60 10.92
C GLY B 20 -8.54 -31.65 10.93
N THR B 21 -8.63 -32.45 11.98
CA THR B 21 -9.59 -33.54 11.92
C THR B 21 -10.93 -33.12 12.50
N ARG B 22 -10.92 -32.17 13.42
CA ARG B 22 -12.13 -31.44 13.76
C ARG B 22 -12.55 -30.65 12.53
N GLY B 23 -13.74 -30.92 12.03
CA GLY B 23 -14.23 -30.17 10.90
C GLY B 23 -14.74 -28.80 11.31
N GLY B 24 -14.68 -27.90 10.36
CA GLY B 24 -15.17 -26.56 10.57
C GLY B 24 -14.00 -25.64 10.36
N PHE B 25 -14.27 -24.41 9.93
CA PHE B 25 -13.24 -23.42 9.68
C PHE B 25 -12.98 -22.66 10.98
N ARG B 26 -11.83 -22.88 11.59
CA ARG B 26 -11.51 -22.30 12.89
C ARG B 26 -10.39 -21.27 12.83
N GLY B 27 -10.05 -20.75 11.66
CA GLY B 27 -9.03 -19.70 11.63
C GLY B 27 -9.43 -18.49 12.45
N CYS B 28 -8.44 -17.92 13.15
CA CYS B 28 -8.63 -16.73 13.99
C CYS B 28 -7.28 -16.32 14.58
N THR B 29 -7.26 -15.13 15.19
CA THR B 29 -6.08 -14.67 15.92
C THR B 29 -6.43 -14.35 17.37
N VAL B 30 -5.72 -15.00 18.29
CA VAL B 30 -5.72 -14.67 19.71
C VAL B 30 -4.56 -13.71 19.86
N TRP B 31 -4.85 -12.43 20.15
CA TRP B 31 -3.83 -11.38 20.24
C TRP B 31 -3.55 -11.02 21.69
N LEU B 32 -2.44 -11.50 22.25
CA LEU B 32 -2.08 -11.25 23.65
C LEU B 32 -1.35 -9.92 23.76
N THR B 33 -1.71 -9.11 24.76
CA THR B 33 -1.06 -7.81 24.88
C THR B 33 -0.79 -7.51 26.36
N GLY B 34 0.34 -6.88 26.64
CA GLY B 34 0.67 -6.53 28.01
C GLY B 34 2.15 -6.33 28.22
N LEU B 35 2.46 -5.95 29.45
CA LEU B 35 3.78 -5.49 29.85
C LEU B 35 4.78 -6.66 29.68
N SER B 36 6.07 -6.31 29.52
CA SER B 36 7.12 -7.33 29.58
C SER B 36 7.02 -8.11 30.89
N GLY B 37 6.93 -9.43 30.79
CA GLY B 37 6.83 -10.23 31.98
C GLY B 37 5.41 -10.39 32.50
N ALA B 38 4.41 -9.75 31.88
CA ALA B 38 3.06 -9.93 32.37
C ALA B 38 2.55 -11.37 32.22
N GLY B 39 3.15 -12.16 31.34
CA GLY B 39 2.72 -13.53 31.15
C GLY B 39 2.23 -13.96 29.76
N LYS B 40 2.51 -13.15 28.74
CA LYS B 40 2.07 -13.48 27.38
C LYS B 40 2.66 -14.81 26.91
N THR B 41 3.98 -14.96 27.00
CA THR B 41 4.64 -16.19 26.57
C THR B 41 4.11 -17.45 27.24
N THR B 42 3.94 -17.40 28.57
CA THR B 42 3.38 -18.50 29.34
C THR B 42 1.97 -18.88 28.88
N ILE B 43 1.08 -17.88 28.73
CA ILE B 43 -0.30 -18.14 28.33
C ILE B 43 -0.35 -18.68 26.91
N SER B 44 0.53 -18.18 26.04
CA SER B 44 0.50 -18.59 24.65
C SER B 44 0.95 -20.01 24.50
N PHE B 45 2.00 -20.38 25.24
CA PHE B 45 2.44 -21.77 25.22
C PHE B 45 1.33 -22.70 25.74
N ALA B 46 0.73 -22.35 26.88
CA ALA B 46 -0.27 -23.26 27.44
C ALA B 46 -1.51 -23.36 26.56
N LEU B 47 -1.92 -22.24 25.96
CA LEU B 47 -2.99 -22.24 24.96
C LEU B 47 -2.63 -23.10 23.74
N GLU B 48 -1.44 -22.92 23.18
CA GLU B 48 -0.99 -23.77 22.07
C GLU B 48 -1.07 -25.26 22.42
N GLU B 49 -0.58 -25.61 23.61
CA GLU B 49 -0.72 -26.97 24.11
C GLU B 49 -2.17 -27.40 24.21
N TYR B 50 -3.05 -26.56 24.75
CA TYR B 50 -4.46 -26.96 24.78
C TYR B 50 -4.96 -27.28 23.38
N LEU B 51 -4.66 -26.41 22.41
CA LEU B 51 -5.23 -26.56 21.09
C LEU B 51 -4.68 -27.82 20.40
N VAL B 52 -3.36 -27.99 20.42
CA VAL B 52 -2.75 -29.15 19.80
C VAL B 52 -3.23 -30.42 20.48
N SER B 53 -3.29 -30.41 21.82
CA SER B 53 -3.83 -31.57 22.56
C SER B 53 -5.30 -31.86 22.22
N HIS B 54 -6.05 -30.89 21.68
CA HIS B 54 -7.44 -31.11 21.28
C HIS B 54 -7.55 -31.13 19.76
N ALA B 55 -6.42 -31.26 19.07
CA ALA B 55 -6.37 -31.57 17.65
C ALA B 55 -6.77 -30.39 16.79
N ILE B 56 -6.57 -29.15 17.28
CA ILE B 56 -6.79 -27.94 16.51
C ILE B 56 -5.42 -27.33 16.08
N PRO B 57 -5.08 -27.39 14.81
CA PRO B 57 -3.82 -26.83 14.33
C PRO B 57 -3.72 -25.35 14.70
N CYS B 58 -2.58 -24.95 15.25
CA CYS B 58 -2.36 -23.57 15.68
C CYS B 58 -0.91 -23.20 15.43
N TYR B 59 -0.62 -21.89 15.55
CA TYR B 59 0.74 -21.39 15.41
C TYR B 59 0.97 -20.11 16.22
N SER B 60 2.15 -20.00 16.80
CA SER B 60 2.48 -18.90 17.70
C SER B 60 3.44 -17.94 17.00
N LEU B 61 3.09 -16.65 16.99
CA LEU B 61 4.00 -15.59 16.56
C LEU B 61 4.47 -14.86 17.82
N ASP B 62 5.79 -14.71 17.96
CA ASP B 62 6.30 -13.96 19.11
C ASP B 62 7.60 -13.28 18.72
N GLY B 63 8.27 -12.67 19.71
CA GLY B 63 9.53 -12.03 19.38
C GLY B 63 10.60 -12.98 18.87
N ASP B 64 10.66 -14.18 19.42
CA ASP B 64 11.65 -15.18 19.00
C ASP B 64 11.60 -15.50 17.51
N ASN B 65 10.40 -15.77 16.95
CA ASN B 65 10.37 -16.09 15.52
C ASN B 65 10.10 -14.91 14.58
N VAL B 66 9.72 -13.74 15.07
CA VAL B 66 9.45 -12.56 14.20
C VAL B 66 10.60 -11.53 14.24
N ARG B 67 11.01 -11.12 15.43
CA ARG B 67 11.87 -9.94 15.62
C ARG B 67 13.25 -10.08 15.03
N HIS B 68 13.80 -11.30 14.95
CA HIS B 68 15.11 -11.47 14.34
C HIS B 68 15.03 -12.11 12.95
N GLY B 69 13.88 -11.94 12.30
CA GLY B 69 13.58 -12.47 10.98
C GLY B 69 12.83 -11.43 10.16
N LEU B 70 11.53 -11.65 10.02
CA LEU B 70 10.69 -10.69 9.33
C LEU B 70 10.95 -9.27 9.80
N ASN B 71 10.99 -9.07 11.11
CA ASN B 71 11.09 -7.73 11.67
C ASN B 71 12.46 -7.39 12.19
N ARG B 72 13.47 -8.10 11.71
CA ARG B 72 14.83 -7.84 12.17
C ARG B 72 15.34 -6.46 11.76
N ASN B 73 14.73 -5.80 10.77
CA ASN B 73 15.18 -4.47 10.38
C ASN B 73 14.36 -3.37 11.08
N LEU B 74 13.61 -3.73 12.11
CA LEU B 74 12.78 -2.82 12.89
C LEU B 74 13.33 -2.70 14.30
N GLY B 75 13.36 -1.47 14.85
CA GLY B 75 13.73 -1.34 16.26
C GLY B 75 12.54 -0.99 17.14
N PHE B 76 12.74 -0.14 18.15
CA PHE B 76 11.74 0.11 19.18
C PHE B 76 11.25 1.56 19.21
N SER B 77 11.57 2.37 18.21
CA SER B 77 11.03 3.71 18.18
C SER B 77 9.53 3.55 18.01
N PRO B 78 8.74 4.54 18.39
CA PRO B 78 7.28 4.38 18.22
C PRO B 78 6.89 4.00 16.79
N GLY B 79 7.49 4.63 15.77
CA GLY B 79 7.20 4.25 14.40
C GLY B 79 7.61 2.83 14.09
N ASP B 80 8.76 2.38 14.62
CA ASP B 80 9.16 1.00 14.37
C ASP B 80 8.27 0.02 15.10
N ARG B 81 7.79 0.34 16.31
CA ARG B 81 6.93 -0.60 17.01
C ARG B 81 5.61 -0.65 16.26
N GLU B 82 5.27 0.46 15.59
CA GLU B 82 4.02 0.49 14.82
C GLU B 82 4.14 -0.32 13.53
N GLU B 83 5.28 -0.23 12.83
CA GLU B 83 5.51 -1.08 11.68
C GLU B 83 5.62 -2.56 12.10
N ASN B 84 6.33 -2.83 13.21
CA ASN B 84 6.43 -4.18 13.78
C ASN B 84 5.06 -4.80 13.88
N ILE B 85 4.13 -4.06 14.52
CA ILE B 85 2.84 -4.61 14.84
C ILE B 85 1.99 -4.69 13.58
N ARG B 86 2.17 -3.78 12.62
CA ARG B 86 1.41 -3.87 11.38
C ARG B 86 1.78 -5.15 10.62
N ARG B 87 3.09 -5.36 10.37
CA ARG B 87 3.54 -6.55 9.66
C ARG B 87 3.06 -7.81 10.36
N ILE B 88 3.27 -7.87 11.69
CA ILE B 88 2.74 -8.96 12.51
C ILE B 88 1.26 -9.17 12.23
N ALA B 89 0.47 -8.09 12.24
CA ALA B 89 -0.97 -8.24 12.04
C ALA B 89 -1.28 -8.85 10.68
N GLU B 90 -0.56 -8.42 9.64
CA GLU B 90 -0.81 -8.94 8.30
C GLU B 90 -0.51 -10.44 8.24
N VAL B 91 0.61 -10.85 8.86
CA VAL B 91 0.97 -12.27 8.79
C VAL B 91 -0.02 -13.11 9.61
N ALA B 92 -0.36 -12.65 10.83
CA ALA B 92 -1.43 -13.28 11.62
C ALA B 92 -2.69 -13.49 10.77
N LYS B 93 -3.13 -12.44 10.07
CA LYS B 93 -4.26 -12.56 9.18
C LYS B 93 -4.04 -13.66 8.15
N LEU B 94 -2.82 -13.77 7.60
CA LEU B 94 -2.56 -14.89 6.68
C LEU B 94 -2.71 -16.26 7.36
N PHE B 95 -2.26 -16.42 8.62
CA PHE B 95 -2.46 -17.70 9.30
C PHE B 95 -3.92 -17.97 9.60
N ALA B 96 -4.68 -16.95 10.03
CA ALA B 96 -6.11 -17.09 10.25
C ALA B 96 -6.78 -17.53 8.96
N ASP B 97 -6.43 -16.87 7.86
CA ASP B 97 -7.03 -17.21 6.58
C ASP B 97 -6.70 -18.63 6.16
N ALA B 98 -5.54 -19.14 6.54
CA ALA B 98 -5.25 -20.54 6.27
C ALA B 98 -6.01 -21.49 7.18
N GLY B 99 -6.71 -21.01 8.20
CA GLY B 99 -7.46 -21.92 9.03
C GLY B 99 -6.79 -22.32 10.33
N LEU B 100 -5.60 -21.77 10.62
CA LEU B 100 -4.96 -22.05 11.91
C LEU B 100 -5.42 -21.05 12.95
N VAL B 101 -5.33 -21.45 14.23
CA VAL B 101 -5.48 -20.50 15.32
C VAL B 101 -4.11 -19.87 15.53
N CYS B 102 -3.99 -18.58 15.25
CA CYS B 102 -2.75 -17.81 15.38
C CYS B 102 -2.73 -17.06 16.70
N ILE B 103 -1.71 -17.31 17.50
CA ILE B 103 -1.52 -16.71 18.82
C ILE B 103 -0.34 -15.76 18.81
N THR B 104 -0.56 -14.46 19.08
CA THR B 104 0.56 -13.53 19.07
C THR B 104 0.88 -13.10 20.51
N SER B 105 2.16 -12.89 20.82
CA SER B 105 2.58 -12.53 22.19
C SER B 105 3.56 -11.35 22.19
N PHE B 106 3.17 -10.26 21.56
CA PHE B 106 3.91 -9.00 21.47
C PHE B 106 3.29 -8.07 22.48
N ILE B 107 4.15 -7.33 23.20
CA ILE B 107 3.68 -6.26 24.09
C ILE B 107 2.65 -5.35 23.45
N SER B 108 2.88 -4.97 22.23
CA SER B 108 2.04 -4.12 21.37
C SER B 108 1.44 -2.99 22.20
N PRO B 109 2.26 -1.97 22.49
CA PRO B 109 1.94 -1.00 23.54
C PRO B 109 0.77 -0.09 23.20
N PHE B 110 0.60 0.23 21.90
CA PHE B 110 -0.30 1.28 21.46
C PHE B 110 -1.66 0.77 21.02
N ALA B 111 -2.71 1.36 21.60
CA ALA B 111 -4.09 1.02 21.23
C ALA B 111 -4.38 1.12 19.73
N LYS B 112 -3.90 2.19 19.10
CA LYS B 112 -4.16 2.42 17.67
C LYS B 112 -3.74 1.23 16.79
N ASP B 113 -2.52 0.76 17.00
CA ASP B 113 -1.98 -0.41 16.31
C ASP B 113 -2.77 -1.67 16.61
N ARG B 114 -3.26 -1.81 17.85
CA ARG B 114 -4.00 -3.02 18.20
C ARG B 114 -5.31 -2.99 17.44
N GLU B 115 -5.94 -1.82 17.41
CA GLU B 115 -7.24 -1.67 16.76
C GLU B 115 -7.07 -1.82 15.24
N ASN B 116 -5.92 -1.40 14.71
CA ASN B 116 -5.59 -1.69 13.31
C ASN B 116 -5.43 -3.19 13.03
N ALA B 117 -4.76 -3.91 13.92
CA ALA B 117 -4.73 -5.36 13.82
C ALA B 117 -6.15 -5.95 13.76
N ARG B 118 -7.02 -5.51 14.69
CA ARG B 118 -8.42 -5.98 14.66
C ARG B 118 -9.08 -5.69 13.34
N LYS B 119 -8.93 -4.47 12.85
CA LYS B 119 -9.61 -4.05 11.63
C LYS B 119 -9.12 -4.88 10.46
N ILE B 120 -7.82 -5.17 10.40
CA ILE B 120 -7.34 -6.00 9.31
C ILE B 120 -7.94 -7.41 9.37
N HIS B 121 -8.15 -7.96 10.58
CA HIS B 121 -8.84 -9.26 10.68
C HIS B 121 -10.33 -9.20 10.33
N GLU B 122 -11.04 -8.22 10.92
CA GLU B 122 -12.49 -8.08 10.75
C GLU B 122 -12.92 -7.76 9.32
N SER B 123 -12.17 -6.87 8.65
CA SER B 123 -12.40 -6.58 7.23
C SER B 123 -12.42 -7.85 6.38
N ALA B 124 -11.59 -8.83 6.74
CA ALA B 124 -11.45 -10.12 6.08
C ALA B 124 -12.42 -11.17 6.64
N GLY B 125 -13.33 -10.79 7.53
CA GLY B 125 -14.19 -11.78 8.16
C GLY B 125 -13.50 -12.83 9.02
N LEU B 126 -12.36 -12.48 9.65
CA LEU B 126 -11.62 -13.44 10.44
C LEU B 126 -11.73 -13.01 11.89
N PRO B 127 -12.04 -13.91 12.84
CA PRO B 127 -12.15 -13.51 14.25
C PRO B 127 -10.83 -12.99 14.84
N PHE B 128 -10.93 -11.93 15.65
CA PHE B 128 -9.78 -11.33 16.33
C PHE B 128 -10.14 -11.20 17.80
N PHE B 129 -9.39 -11.87 18.67
CA PHE B 129 -9.63 -11.81 20.10
C PHE B 129 -8.49 -11.11 20.81
N GLU B 130 -8.75 -9.92 21.33
CA GLU B 130 -7.70 -9.17 22.01
C GLU B 130 -7.71 -9.59 23.48
N ILE B 131 -6.56 -9.99 24.00
CA ILE B 131 -6.50 -10.61 25.30
C ILE B 131 -5.50 -9.80 26.13
N PHE B 132 -6.01 -9.02 27.09
CA PHE B 132 -5.15 -8.19 27.94
C PHE B 132 -4.55 -9.05 29.05
N VAL B 133 -3.25 -9.34 28.96
CA VAL B 133 -2.48 -10.10 29.95
C VAL B 133 -1.97 -9.06 30.93
N ASP B 134 -2.67 -8.91 32.05
CA ASP B 134 -2.56 -7.75 32.93
C ASP B 134 -1.94 -8.09 34.29
N ALA B 135 -0.73 -7.60 34.54
CA ALA B 135 -0.14 -7.66 35.88
C ALA B 135 0.40 -6.29 36.19
N PRO B 136 0.50 -5.91 37.46
CA PRO B 136 1.10 -4.61 37.79
C PRO B 136 2.57 -4.58 37.40
N LEU B 137 3.01 -3.36 37.05
CA LEU B 137 4.38 -3.16 36.61
C LEU B 137 5.37 -3.67 37.63
N ASN B 138 5.14 -3.35 38.90
CA ASN B 138 6.02 -3.83 39.97
C ASN B 138 6.09 -5.35 40.01
N ILE B 139 4.98 -6.04 39.77
CA ILE B 139 5.01 -7.50 39.73
C ILE B 139 5.82 -8.01 38.53
N CYS B 140 5.58 -7.43 37.35
CA CYS B 140 6.39 -7.75 36.18
C CYS B 140 7.87 -7.50 36.43
N GLU B 141 8.20 -6.40 37.10
CA GLU B 141 9.59 -6.05 37.34
C GLU B 141 10.21 -7.00 38.35
N SER B 142 9.40 -7.51 39.29
CA SER B 142 9.93 -8.48 40.25
C SER B 142 10.14 -9.85 39.61
N ARG B 143 9.41 -10.17 38.56
CA ARG B 143 9.60 -11.45 37.89
C ARG B 143 10.87 -11.38 37.05
N ASP B 144 11.12 -10.22 36.42
CA ASP B 144 12.21 -9.94 35.49
C ASP B 144 12.70 -11.23 34.87
N VAL B 145 11.84 -11.85 34.05
CA VAL B 145 12.08 -13.18 33.48
C VAL B 145 13.42 -13.24 32.74
N LYS B 146 13.70 -12.22 31.93
CA LYS B 146 14.85 -12.20 31.04
C LYS B 146 15.90 -11.19 31.46
N GLY B 147 15.72 -10.50 32.59
CA GLY B 147 16.68 -9.49 33.01
C GLY B 147 16.55 -8.15 32.31
N LEU B 148 15.45 -7.93 31.58
CA LEU B 148 15.21 -6.65 30.90
C LEU B 148 14.98 -5.48 31.87
N TYR B 149 14.20 -5.68 32.92
CA TYR B 149 13.95 -4.57 33.85
C TYR B 149 15.23 -4.07 34.49
N LYS B 150 16.15 -4.96 34.83
CA LYS B 150 17.35 -4.49 35.52
C LYS B 150 18.25 -3.74 34.55
N ARG B 151 18.26 -4.18 33.29
CA ARG B 151 18.98 -3.47 32.23
C ARG B 151 18.38 -2.10 31.94
N ALA B 152 17.06 -2.03 31.81
CA ALA B 152 16.35 -0.77 31.57
C ALA B 152 16.57 0.23 32.69
N ARG B 153 16.48 -0.21 33.95
CA ARG B 153 16.72 0.68 35.09
C ARG B 153 18.12 1.28 35.00
N ALA B 154 19.08 0.49 34.52
CA ALA B 154 20.47 0.91 34.41
C ALA B 154 20.75 1.74 33.16
N GLY B 155 19.77 1.97 32.29
CA GLY B 155 19.90 2.83 31.12
C GLY B 155 20.45 2.16 29.86
N GLU B 156 20.73 0.85 29.92
CA GLU B 156 21.21 0.04 28.81
C GLU B 156 20.13 -0.25 27.77
N ILE B 157 18.87 -0.11 28.14
CA ILE B 157 17.76 -0.19 27.21
C ILE B 157 17.05 1.14 27.32
N LYS B 158 16.64 1.71 26.17
CA LYS B 158 15.87 2.92 26.28
C LYS B 158 14.47 2.70 25.72
N GLY B 159 13.55 3.57 26.11
CA GLY B 159 12.26 3.35 25.54
C GLY B 159 11.64 2.06 26.01
N PHE B 160 12.07 1.50 27.15
CA PHE B 160 11.58 0.19 27.55
C PHE B 160 10.19 0.38 28.12
N THR B 161 9.21 -0.27 27.50
CA THR B 161 7.80 -0.09 27.81
C THR B 161 7.49 -0.31 29.28
N GLY B 162 6.75 0.62 29.87
CA GLY B 162 6.47 0.60 31.27
C GLY B 162 7.36 1.49 32.13
N ILE B 163 8.59 1.74 31.66
CA ILE B 163 9.59 2.52 32.39
C ILE B 163 9.82 3.88 31.72
N ASP B 164 10.33 3.88 30.47
CA ASP B 164 10.44 5.14 29.76
C ASP B 164 9.72 5.13 28.43
N SER B 165 8.67 4.32 28.31
CA SER B 165 7.66 4.53 27.29
C SER B 165 6.36 3.88 27.74
N ASP B 166 5.26 4.37 27.21
CA ASP B 166 3.96 4.00 27.76
C ASP B 166 3.42 2.68 27.23
N TYR B 167 2.75 1.98 28.11
CA TYR B 167 1.78 0.94 27.78
C TYR B 167 0.40 1.57 27.91
N GLU B 168 -0.42 1.47 26.85
CA GLU B 168 -1.79 2.00 26.87
C GLU B 168 -2.69 0.80 27.11
N LYS B 169 -3.14 0.66 28.36
CA LYS B 169 -3.97 -0.44 28.82
C LYS B 169 -5.18 -0.60 27.91
N PRO B 170 -5.46 -1.79 27.38
CA PRO B 170 -6.71 -1.99 26.61
C PRO B 170 -8.00 -1.62 27.32
N GLU B 171 -8.79 -0.81 26.65
CA GLU B 171 -10.09 -0.39 27.15
C GLU B 171 -11.16 -1.46 26.94
N THR B 172 -11.20 -2.12 25.76
CA THR B 172 -12.26 -3.11 25.50
C THR B 172 -11.73 -4.49 25.10
N PRO B 173 -10.85 -5.08 25.87
CA PRO B 173 -10.29 -6.37 25.46
C PRO B 173 -11.38 -7.43 25.61
N GLU B 174 -11.20 -8.58 24.98
CA GLU B 174 -12.21 -9.62 25.05
C GLU B 174 -12.11 -10.36 26.36
N ARG B 175 -10.88 -10.48 26.89
CA ARG B 175 -10.63 -11.03 28.21
C ARG B 175 -9.54 -10.20 28.91
N VAL B 176 -9.62 -10.06 30.23
CA VAL B 176 -8.53 -9.54 31.06
C VAL B 176 -8.04 -10.71 31.92
N LEU B 177 -6.76 -11.07 31.78
CA LEU B 177 -6.13 -12.10 32.61
C LEU B 177 -5.28 -11.44 33.70
N LYS B 178 -5.74 -11.51 34.95
CA LYS B 178 -4.96 -10.99 36.09
C LYS B 178 -3.90 -12.01 36.48
N THR B 179 -2.74 -11.91 35.87
CA THR B 179 -1.77 -12.99 36.06
C THR B 179 -1.08 -12.97 37.41
N ASN B 180 -1.25 -11.89 38.19
CA ASN B 180 -0.72 -11.89 39.53
C ASN B 180 -1.71 -12.41 40.57
N LEU B 181 -2.98 -12.65 40.17
CA LEU B 181 -4.03 -13.03 41.10
C LEU B 181 -4.64 -14.38 40.80
N SER B 182 -4.10 -15.13 39.86
CA SER B 182 -4.64 -16.46 39.60
C SER B 182 -3.60 -17.26 38.85
N THR B 183 -3.88 -18.55 38.74
CA THR B 183 -2.92 -19.46 38.14
C THR B 183 -2.97 -19.39 36.63
N VAL B 184 -1.91 -19.94 36.03
CA VAL B 184 -1.82 -20.07 34.57
C VAL B 184 -3.05 -20.80 34.06
N SER B 185 -3.43 -21.88 34.74
CA SER B 185 -4.56 -22.69 34.31
C SER B 185 -5.89 -21.91 34.32
N ASP B 186 -6.15 -21.11 35.35
CA ASP B 186 -7.35 -20.26 35.36
C ASP B 186 -7.35 -19.25 34.20
N CYS B 187 -6.20 -18.63 33.95
CA CYS B 187 -6.07 -17.63 32.89
C CYS B 187 -6.30 -18.25 31.50
N VAL B 188 -5.64 -19.38 31.26
CA VAL B 188 -5.87 -20.13 30.04
C VAL B 188 -7.36 -20.40 29.91
N HIS B 189 -7.96 -21.00 30.96
CA HIS B 189 -9.39 -21.27 30.91
C HIS B 189 -10.24 -20.09 30.48
N GLN B 190 -9.88 -18.87 30.89
CA GLN B 190 -10.62 -17.70 30.41
C GLN B 190 -10.54 -17.58 28.88
N VAL B 191 -9.37 -17.86 28.31
CA VAL B 191 -9.26 -17.75 26.86
C VAL B 191 -9.96 -18.90 26.15
N VAL B 192 -9.71 -20.14 26.60
CA VAL B 192 -10.40 -21.30 26.02
C VAL B 192 -11.91 -21.09 26.03
N GLU B 193 -12.44 -20.61 27.18
CA GLU B 193 -13.88 -20.38 27.27
C GLU B 193 -14.33 -19.42 26.19
N LEU B 194 -13.54 -18.36 25.96
CA LEU B 194 -13.91 -17.39 24.95
C LEU B 194 -13.94 -18.06 23.58
N LEU B 195 -12.96 -18.93 23.31
CA LEU B 195 -12.90 -19.62 22.02
C LEU B 195 -14.07 -20.58 21.84
N GLN B 196 -14.55 -21.20 22.93
CA GLN B 196 -15.75 -22.02 22.84
C GLN B 196 -16.94 -21.16 22.47
N GLU B 197 -17.15 -20.08 23.22
CA GLU B 197 -18.26 -19.20 22.91
C GLU B 197 -18.20 -18.69 21.48
N GLN B 198 -17.02 -18.69 20.85
CA GLN B 198 -16.87 -18.15 19.50
C GLN B 198 -16.78 -19.23 18.45
N ASN B 199 -17.23 -20.42 18.81
CA ASN B 199 -17.31 -21.56 17.92
C ASN B 199 -15.93 -21.97 17.36
N ILE B 200 -14.88 -21.47 18.00
CA ILE B 200 -13.52 -21.84 17.58
C ILE B 200 -13.20 -23.17 18.22
N VAL B 201 -13.68 -23.42 19.43
CA VAL B 201 -13.23 -24.66 20.02
C VAL B 201 -14.56 -25.30 20.41
N PRO B 202 -14.78 -26.57 20.04
CA PRO B 202 -16.05 -27.23 20.39
C PRO B 202 -16.20 -27.34 21.90
N TYR B 203 -17.45 -27.33 22.32
CA TYR B 203 -17.80 -27.66 23.71
C TYR B 203 -17.60 -29.12 24.06
N HIS C 8 2.34 35.41 -5.91
CA HIS C 8 2.05 34.10 -5.31
C HIS C 8 1.95 32.95 -6.33
N HIS C 9 0.83 32.81 -7.06
CA HIS C 9 0.83 31.92 -8.22
C HIS C 9 0.26 32.59 -9.45
N VAL C 10 0.44 31.92 -10.59
CA VAL C 10 -0.21 32.33 -11.82
C VAL C 10 -1.71 32.14 -11.69
N SER C 11 -2.45 33.11 -12.21
CA SER C 11 -3.91 33.12 -12.11
C SER C 11 -4.59 32.06 -12.97
N ARG C 12 -5.77 31.64 -12.51
CA ARG C 12 -6.65 30.75 -13.27
C ARG C 12 -6.85 31.29 -14.67
N ASN C 13 -7.07 32.60 -14.78
CA ASN C 13 -7.27 33.21 -16.08
C ASN C 13 -6.02 33.12 -16.93
N LYS C 14 -4.83 33.20 -16.33
CA LYS C 14 -3.63 32.92 -17.11
C LYS C 14 -3.50 31.45 -17.51
N ARG C 15 -3.63 30.50 -16.56
CA ARG C 15 -3.67 29.09 -16.99
C ARG C 15 -4.70 28.85 -18.09
N GLY C 16 -5.75 29.65 -18.16
CA GLY C 16 -6.70 29.34 -19.22
C GLY C 16 -6.10 29.55 -20.60
N GLN C 17 -5.09 30.44 -20.72
CA GLN C 17 -4.44 30.70 -22.00
C GLN C 17 -3.53 29.54 -22.42
N VAL C 18 -2.80 28.93 -21.47
CA VAL C 18 -1.67 28.06 -21.82
C VAL C 18 -2.09 26.59 -21.77
N VAL C 19 -3.12 26.26 -20.99
CA VAL C 19 -3.66 24.91 -20.85
C VAL C 19 -4.47 24.56 -22.10
N GLY C 20 -3.99 23.60 -22.88
CA GLY C 20 -4.78 23.22 -24.03
C GLY C 20 -4.75 24.31 -25.09
N THR C 21 -5.58 24.13 -26.13
CA THR C 21 -5.54 25.03 -27.30
C THR C 21 -6.57 26.14 -27.12
N ARG C 22 -7.85 25.79 -27.21
CA ARG C 22 -8.97 26.59 -26.73
C ARG C 22 -8.69 27.56 -25.57
N GLY C 23 -8.92 28.85 -25.74
CA GLY C 23 -8.74 29.74 -24.61
C GLY C 23 -9.92 29.64 -23.65
N GLY C 24 -9.66 29.93 -22.39
CA GLY C 24 -10.64 29.95 -21.32
C GLY C 24 -10.27 28.94 -20.25
N PHE C 25 -10.66 29.23 -18.99
CA PHE C 25 -10.35 28.34 -17.87
C PHE C 25 -11.47 27.29 -17.70
N ARG C 26 -11.17 26.04 -18.02
CA ARG C 26 -12.17 24.98 -18.00
C ARG C 26 -11.89 23.95 -16.92
N GLY C 27 -11.09 24.28 -15.91
CA GLY C 27 -10.90 23.35 -14.80
C GLY C 27 -12.22 23.04 -14.10
N CYS C 28 -12.38 21.77 -13.69
CA CYS C 28 -13.58 21.30 -12.98
C CYS C 28 -13.37 19.83 -12.60
N THR C 29 -14.28 19.30 -11.77
CA THR C 29 -14.25 17.88 -11.41
C THR C 29 -15.57 17.20 -11.79
N VAL C 30 -15.49 16.14 -12.59
CA VAL C 30 -16.61 15.23 -12.84
C VAL C 30 -16.46 14.10 -11.82
N TRP C 31 -17.38 14.02 -10.86
CA TRP C 31 -17.31 13.07 -9.77
C TRP C 31 -18.29 11.90 -9.94
N LEU C 32 -17.77 10.76 -10.38
CA LEU C 32 -18.60 9.57 -10.63
C LEU C 32 -18.78 8.83 -9.30
N THR C 33 -20.00 8.38 -9.02
CA THR C 33 -20.30 7.68 -7.77
C THR C 33 -21.27 6.57 -8.09
N GLY C 34 -21.14 5.44 -7.42
CA GLY C 34 -22.03 4.32 -7.63
C GLY C 34 -21.38 3.00 -7.20
N LEU C 35 -22.19 1.94 -7.28
CA LEU C 35 -21.83 0.64 -6.74
C LEU C 35 -20.59 0.09 -7.45
N SER C 36 -19.87 -0.81 -6.77
CA SER C 36 -18.77 -1.57 -7.40
C SER C 36 -19.25 -2.29 -8.65
N GLY C 37 -18.58 -2.03 -9.77
CA GLY C 37 -19.00 -2.70 -10.99
C GLY C 37 -20.12 -1.97 -11.71
N ALA C 38 -20.64 -0.86 -11.17
CA ALA C 38 -21.70 -0.11 -11.86
C ALA C 38 -21.26 0.54 -13.17
N GLY C 39 -19.95 0.75 -13.40
CA GLY C 39 -19.48 1.36 -14.64
C GLY C 39 -18.70 2.68 -14.55
N LYS C 40 -18.24 3.05 -13.35
CA LYS C 40 -17.51 4.30 -13.21
C LYS C 40 -16.23 4.34 -14.06
N THR C 41 -15.35 3.34 -13.90
CA THR C 41 -14.11 3.24 -14.67
C THR C 41 -14.34 3.25 -16.19
N THR C 42 -15.31 2.48 -16.67
CA THR C 42 -15.67 2.48 -18.09
C THR C 42 -16.08 3.87 -18.58
N ILE C 43 -16.99 4.53 -17.86
CA ILE C 43 -17.45 5.85 -18.28
C ILE C 43 -16.31 6.84 -18.19
N SER C 44 -15.45 6.67 -17.19
CA SER C 44 -14.39 7.62 -16.99
C SER C 44 -13.37 7.53 -18.12
N PHE C 45 -13.05 6.31 -18.54
CA PHE C 45 -12.18 6.10 -19.69
C PHE C 45 -12.77 6.65 -20.98
N ALA C 46 -14.06 6.36 -21.24
CA ALA C 46 -14.65 6.81 -22.51
C ALA C 46 -14.81 8.34 -22.54
N LEU C 47 -15.12 8.94 -21.39
CA LEU C 47 -15.12 10.41 -21.25
C LEU C 47 -13.73 11.00 -21.49
N GLU C 48 -12.71 10.45 -20.85
CA GLU C 48 -11.32 10.87 -21.08
C GLU C 48 -10.95 10.82 -22.56
N GLU C 49 -11.29 9.72 -23.25
CA GLU C 49 -11.07 9.63 -24.70
C GLU C 49 -11.79 10.73 -25.46
N TYR C 50 -13.08 10.95 -25.17
CA TYR C 50 -13.79 12.04 -25.83
C TYR C 50 -13.08 13.37 -25.59
N LEU C 51 -12.65 13.63 -24.36
CA LEU C 51 -12.11 14.95 -24.05
C LEU C 51 -10.78 15.15 -24.77
N VAL C 52 -9.90 14.15 -24.70
CA VAL C 52 -8.60 14.21 -25.36
C VAL C 52 -8.73 14.35 -26.88
N SER C 53 -9.65 13.57 -27.48
CA SER C 53 -9.91 13.69 -28.91
C SER C 53 -10.43 15.07 -29.33
N HIS C 54 -11.00 15.84 -28.41
CA HIS C 54 -11.49 17.19 -28.68
C HIS C 54 -10.62 18.26 -28.07
N ALA C 55 -9.41 17.89 -27.64
CA ALA C 55 -8.38 18.86 -27.29
C ALA C 55 -8.69 19.54 -25.95
N ILE C 56 -9.43 18.87 -25.08
CA ILE C 56 -9.64 19.36 -23.72
C ILE C 56 -8.79 18.56 -22.73
N PRO C 57 -7.74 19.17 -22.19
CA PRO C 57 -6.87 18.47 -21.22
C PRO C 57 -7.67 17.95 -20.04
N CYS C 58 -7.47 16.67 -19.70
CA CYS C 58 -8.17 16.00 -18.61
C CYS C 58 -7.27 14.98 -17.92
N TYR C 59 -7.72 14.50 -16.76
CA TYR C 59 -7.00 13.45 -16.06
C TYR C 59 -7.96 12.62 -15.19
N SER C 60 -7.75 11.31 -15.14
CA SER C 60 -8.65 10.38 -14.46
C SER C 60 -7.97 9.89 -13.20
N LEU C 61 -8.66 10.02 -12.07
CA LEU C 61 -8.26 9.45 -10.80
C LEU C 61 -9.17 8.26 -10.55
N ASP C 62 -8.58 7.10 -10.24
CA ASP C 62 -9.37 5.91 -9.90
C ASP C 62 -8.60 5.07 -8.89
N GLY C 63 -9.08 3.86 -8.60
CA GLY C 63 -8.36 3.02 -7.67
C GLY C 63 -6.97 2.64 -8.15
N ASP C 64 -6.82 2.42 -9.45
CA ASP C 64 -5.52 2.07 -10.00
C ASP C 64 -4.43 3.10 -9.70
N ASN C 65 -4.69 4.37 -9.92
CA ASN C 65 -3.59 5.28 -9.60
C ASN C 65 -3.61 5.87 -8.19
N VAL C 66 -4.71 5.75 -7.44
CA VAL C 66 -4.81 6.34 -6.10
C VAL C 66 -4.62 5.30 -4.99
N ARG C 67 -5.35 4.18 -5.07
CA ARG C 67 -5.46 3.27 -3.93
C ARG C 67 -4.16 2.58 -3.53
N HIS C 68 -3.24 2.30 -4.47
CA HIS C 68 -1.95 1.71 -4.10
C HIS C 68 -0.81 2.71 -4.22
N GLY C 69 -1.16 4.00 -4.10
CA GLY C 69 -0.20 5.06 -4.19
C GLY C 69 -0.47 6.08 -3.10
N LEU C 70 -1.06 7.22 -3.44
CA LEU C 70 -1.40 8.21 -2.43
C LEU C 70 -2.09 7.59 -1.23
N ASN C 71 -3.08 6.73 -1.49
CA ASN C 71 -3.96 6.14 -0.48
C ASN C 71 -3.62 4.69 -0.17
N ARG C 72 -2.40 4.23 -0.46
CA ARG C 72 -2.05 2.83 -0.19
C ARG C 72 -2.09 2.44 1.27
N ASN C 73 -2.08 3.41 2.20
CA ASN C 73 -2.14 3.12 3.62
C ASN C 73 -3.58 3.20 4.13
N LEU C 74 -4.55 3.17 3.24
CA LEU C 74 -5.96 3.25 3.58
C LEU C 74 -6.71 1.97 3.29
N GLY C 75 -7.59 1.58 4.21
CA GLY C 75 -8.47 0.49 3.87
C GLY C 75 -9.91 0.97 3.66
N PHE C 76 -10.84 0.11 4.09
CA PHE C 76 -12.27 0.27 3.82
C PHE C 76 -13.06 0.45 5.10
N SER C 77 -12.40 0.68 6.23
CA SER C 77 -13.16 0.97 7.42
C SER C 77 -13.87 2.29 7.13
N PRO C 78 -14.97 2.59 7.80
CA PRO C 78 -15.66 3.87 7.54
C PRO C 78 -14.75 5.08 7.67
N GLY C 79 -13.90 5.14 8.70
CA GLY C 79 -12.98 6.25 8.80
C GLY C 79 -11.98 6.30 7.65
N ASP C 80 -11.51 5.13 7.22
CA ASP C 80 -10.57 5.10 6.10
C ASP C 80 -11.24 5.47 4.80
N ARG C 81 -12.50 5.10 4.64
CA ARG C 81 -13.19 5.47 3.42
C ARG C 81 -13.42 6.97 3.39
N GLU C 82 -13.55 7.55 4.59
CA GLU C 82 -13.75 8.99 4.68
C GLU C 82 -12.45 9.72 4.38
N GLU C 83 -11.32 9.22 4.88
CA GLU C 83 -10.05 9.82 4.49
C GLU C 83 -9.75 9.62 3.00
N ASN C 84 -10.03 8.42 2.47
CA ASN C 84 -9.85 8.14 1.06
C ASN C 84 -10.51 9.22 0.23
N ILE C 85 -11.78 9.49 0.54
CA ILE C 85 -12.52 10.39 -0.32
C ILE C 85 -12.07 11.81 -0.06
N ARG C 86 -11.68 12.12 1.18
CA ARG C 86 -11.21 13.47 1.46
C ARG C 86 -9.93 13.78 0.66
N ARG C 87 -8.92 12.92 0.77
CA ARG C 87 -7.66 13.12 0.05
C ARG C 87 -7.92 13.24 -1.44
N ILE C 88 -8.69 12.29 -1.98
CA ILE C 88 -9.12 12.38 -3.39
C ILE C 88 -9.70 13.74 -3.72
N ALA C 89 -10.63 14.23 -2.90
CA ALA C 89 -11.28 15.50 -3.21
C ALA C 89 -10.25 16.63 -3.25
N GLU C 90 -9.29 16.61 -2.32
CA GLU C 90 -8.29 17.67 -2.34
C GLU C 90 -7.47 17.58 -3.64
N VAL C 91 -7.09 16.37 -4.04
CA VAL C 91 -6.26 16.28 -5.23
C VAL C 91 -7.04 16.68 -6.46
N ALA C 92 -8.25 16.17 -6.59
CA ALA C 92 -9.19 16.61 -7.63
C ALA C 92 -9.26 18.13 -7.70
N LYS C 93 -9.43 18.77 -6.54
CA LYS C 93 -9.45 20.23 -6.49
C LYS C 93 -8.19 20.85 -7.10
N LEU C 94 -7.02 20.28 -6.80
CA LEU C 94 -5.78 20.75 -7.41
C LEU C 94 -5.74 20.58 -8.93
N PHE C 95 -6.24 19.46 -9.45
CA PHE C 95 -6.25 19.33 -10.90
C PHE C 95 -7.24 20.29 -11.56
N ALA C 96 -8.41 20.49 -10.97
CA ALA C 96 -9.34 21.48 -11.51
C ALA C 96 -8.68 22.85 -11.52
N ASP C 97 -8.07 23.22 -10.40
CA ASP C 97 -7.44 24.51 -10.26
C ASP C 97 -6.32 24.68 -11.27
N ALA C 98 -5.66 23.58 -11.63
CA ALA C 98 -4.65 23.65 -12.68
C ALA C 98 -5.26 23.81 -14.05
N GLY C 99 -6.60 23.72 -14.17
CA GLY C 99 -7.28 23.93 -15.42
C GLY C 99 -7.66 22.67 -16.18
N LEU C 100 -7.37 21.48 -15.64
CA LEU C 100 -7.77 20.23 -16.31
C LEU C 100 -9.16 19.78 -15.88
N VAL C 101 -9.79 18.97 -16.75
CA VAL C 101 -11.01 18.27 -16.36
C VAL C 101 -10.59 17.01 -15.59
N CYS C 102 -10.90 16.96 -14.30
CA CYS C 102 -10.57 15.84 -13.42
C CYS C 102 -11.78 14.92 -13.30
N ILE C 103 -11.60 13.66 -13.66
CA ILE C 103 -12.65 12.65 -13.63
C ILE C 103 -12.34 11.65 -12.53
N THR C 104 -13.22 11.55 -11.53
CA THR C 104 -12.98 10.64 -10.42
C THR C 104 -13.94 9.47 -10.55
N SER C 105 -13.47 8.27 -10.18
CA SER C 105 -14.29 7.08 -10.33
C SER C 105 -14.27 6.21 -9.09
N PHE C 106 -14.59 6.80 -7.95
CA PHE C 106 -14.69 6.13 -6.67
C PHE C 106 -16.17 5.92 -6.36
N ILE C 107 -16.51 4.73 -5.85
CA ILE C 107 -17.86 4.48 -5.33
C ILE C 107 -18.35 5.57 -4.41
N SER C 108 -17.51 6.05 -3.55
CA SER C 108 -17.70 7.11 -2.58
C SER C 108 -19.12 6.98 -2.01
N PRO C 109 -19.32 5.99 -1.14
CA PRO C 109 -20.67 5.48 -0.80
C PRO C 109 -21.53 6.47 -0.03
N PHE C 110 -20.90 7.31 0.79
CA PHE C 110 -21.57 8.14 1.79
C PHE C 110 -21.79 9.56 1.26
N ALA C 111 -23.05 10.01 1.34
CA ALA C 111 -23.40 11.37 0.93
C ALA C 111 -22.56 12.43 1.61
N LYS C 112 -22.31 12.29 2.91
CA LYS C 112 -21.57 13.31 3.66
C LYS C 112 -20.23 13.62 3.00
N ASP C 113 -19.43 12.58 2.71
CA ASP C 113 -18.15 12.75 2.03
C ASP C 113 -18.30 13.30 0.62
N ARG C 114 -19.36 12.92 -0.10
CA ARG C 114 -19.50 13.42 -1.46
C ARG C 114 -19.76 14.92 -1.38
N GLU C 115 -20.61 15.30 -0.45
CA GLU C 115 -21.02 16.68 -0.27
C GLU C 115 -19.84 17.51 0.24
N ASN C 116 -18.94 16.90 1.03
CA ASN C 116 -17.68 17.55 1.38
C ASN C 116 -16.77 17.79 0.19
N ALA C 117 -16.64 16.81 -0.71
CA ALA C 117 -15.93 17.04 -1.97
C ALA C 117 -16.50 18.23 -2.71
N ARG C 118 -17.84 18.26 -2.85
CA ARG C 118 -18.50 19.39 -3.52
C ARG C 118 -18.12 20.71 -2.87
N LYS C 119 -18.18 20.76 -1.55
CA LYS C 119 -17.93 22.01 -0.84
C LYS C 119 -16.52 22.49 -1.09
N ILE C 120 -15.53 21.57 -1.08
CA ILE C 120 -14.15 22.01 -1.31
C ILE C 120 -13.98 22.58 -2.71
N HIS C 121 -14.69 22.02 -3.69
CA HIS C 121 -14.67 22.60 -5.02
C HIS C 121 -15.41 23.93 -5.09
N GLU C 122 -16.63 23.99 -4.53
CA GLU C 122 -17.42 25.21 -4.62
C GLU C 122 -16.74 26.36 -3.87
N SER C 123 -16.24 26.10 -2.65
CA SER C 123 -15.46 27.08 -1.89
C SER C 123 -14.31 27.62 -2.72
N ALA C 124 -13.69 26.74 -3.53
CA ALA C 124 -12.56 27.14 -4.37
C ALA C 124 -12.98 27.73 -5.71
N GLY C 125 -14.29 27.93 -5.92
CA GLY C 125 -14.81 28.36 -7.21
C GLY C 125 -14.59 27.40 -8.35
N LEU C 126 -14.56 26.08 -8.08
CA LEU C 126 -14.32 25.13 -9.15
C LEU C 126 -15.60 24.33 -9.35
N PRO C 127 -16.07 24.17 -10.58
CA PRO C 127 -17.31 23.40 -10.80
C PRO C 127 -17.15 21.96 -10.36
N PHE C 128 -18.19 21.41 -9.76
CA PHE C 128 -18.22 20.02 -9.31
C PHE C 128 -19.47 19.39 -9.90
N PHE C 129 -19.33 18.36 -10.73
CA PHE C 129 -20.48 17.69 -11.31
C PHE C 129 -20.55 16.29 -10.73
N GLU C 130 -21.54 16.04 -9.92
CA GLU C 130 -21.70 14.72 -9.32
C GLU C 130 -22.54 13.87 -10.28
N ILE C 131 -22.02 12.70 -10.61
CA ILE C 131 -22.56 11.88 -11.68
C ILE C 131 -22.86 10.52 -11.06
N PHE C 132 -24.16 10.22 -10.88
CA PHE C 132 -24.59 8.96 -10.32
C PHE C 132 -24.59 7.87 -11.40
N VAL C 133 -23.65 6.93 -11.29
CA VAL C 133 -23.53 5.77 -12.18
C VAL C 133 -24.36 4.65 -11.56
N ASP C 134 -25.57 4.50 -12.08
CA ASP C 134 -26.65 3.76 -11.42
C ASP C 134 -26.97 2.48 -12.18
N ALA C 135 -26.64 1.33 -11.59
CA ALA C 135 -27.07 0.02 -12.07
C ALA C 135 -27.63 -0.74 -10.89
N PRO C 136 -28.54 -1.71 -11.09
CA PRO C 136 -29.00 -2.50 -9.94
C PRO C 136 -27.88 -3.35 -9.38
N LEU C 137 -27.95 -3.52 -8.06
CA LEU C 137 -26.92 -4.24 -7.34
C LEU C 137 -26.73 -5.65 -7.92
N ASN C 138 -27.81 -6.37 -8.18
CA ASN C 138 -27.70 -7.70 -8.78
C ASN C 138 -26.98 -7.66 -10.12
N ILE C 139 -27.23 -6.63 -10.93
CA ILE C 139 -26.50 -6.52 -12.19
C ILE C 139 -25.02 -6.25 -11.97
N CYS C 140 -24.71 -5.32 -11.07
CA CYS C 140 -23.30 -5.12 -10.68
C CYS C 140 -22.67 -6.42 -10.19
N GLU C 141 -23.39 -7.18 -9.38
CA GLU C 141 -22.86 -8.39 -8.77
C GLU C 141 -22.63 -9.46 -9.82
N SER C 142 -23.48 -9.51 -10.82
CA SER C 142 -23.30 -10.47 -11.89
C SER C 142 -22.18 -10.07 -12.82
N ARG C 143 -21.83 -8.78 -12.88
CA ARG C 143 -20.71 -8.43 -13.76
C ARG C 143 -19.41 -8.88 -13.09
N ASP C 144 -19.36 -8.69 -11.77
CA ASP C 144 -18.21 -8.91 -10.90
C ASP C 144 -16.89 -8.87 -11.64
N VAL C 145 -16.50 -7.66 -12.08
CA VAL C 145 -15.32 -7.47 -12.92
C VAL C 145 -14.13 -8.12 -12.26
N LYS C 146 -13.95 -7.87 -10.97
CA LYS C 146 -12.80 -8.38 -10.24
C LYS C 146 -12.96 -9.62 -9.38
N GLY C 147 -14.17 -10.15 -9.30
CA GLY C 147 -14.47 -11.29 -8.45
C GLY C 147 -14.66 -11.01 -6.97
N LEU C 148 -14.75 -9.74 -6.59
CA LEU C 148 -15.00 -9.36 -5.19
C LEU C 148 -16.39 -9.75 -4.70
N TYR C 149 -17.44 -9.58 -5.50
CA TYR C 149 -18.76 -9.93 -4.98
C TYR C 149 -18.82 -11.38 -4.51
N LYS C 150 -18.17 -12.31 -5.23
CA LYS C 150 -18.31 -13.72 -4.83
C LYS C 150 -17.59 -13.96 -3.53
N ARG C 151 -16.46 -13.28 -3.34
CA ARG C 151 -15.75 -13.38 -2.08
C ARG C 151 -16.54 -12.77 -0.94
N ALA C 152 -17.13 -11.59 -1.14
CA ALA C 152 -17.95 -10.98 -0.08
C ALA C 152 -19.13 -11.87 0.29
N ARG C 153 -19.82 -12.45 -0.70
CA ARG C 153 -20.92 -13.35 -0.39
C ARG C 153 -20.42 -14.52 0.45
N ALA C 154 -19.20 -14.98 0.16
CA ALA C 154 -18.62 -16.11 0.86
C ALA C 154 -18.06 -15.71 2.20
N GLY C 155 -18.12 -14.44 2.56
CA GLY C 155 -17.72 -13.96 3.86
C GLY C 155 -16.25 -13.62 3.98
N GLU C 156 -15.47 -13.75 2.90
CA GLU C 156 -14.05 -13.38 2.90
C GLU C 156 -13.80 -11.87 2.89
N ILE C 157 -14.77 -11.05 2.46
CA ILE C 157 -14.69 -9.61 2.58
C ILE C 157 -15.91 -9.21 3.38
N LYS C 158 -15.71 -8.31 4.34
CA LYS C 158 -16.86 -7.80 5.07
C LYS C 158 -16.89 -6.31 4.81
N GLY C 159 -18.01 -5.68 5.14
CA GLY C 159 -18.06 -4.26 4.91
C GLY C 159 -18.06 -3.88 3.44
N PHE C 160 -18.46 -4.81 2.55
CA PHE C 160 -18.43 -4.57 1.11
C PHE C 160 -19.69 -3.77 0.72
N THR C 161 -19.53 -2.56 0.18
CA THR C 161 -20.68 -1.71 -0.12
C THR C 161 -21.70 -2.41 -1.03
N GLY C 162 -22.98 -2.31 -0.67
CA GLY C 162 -24.01 -3.02 -1.38
C GLY C 162 -24.45 -4.30 -0.72
N ILE C 163 -23.56 -4.92 0.06
CA ILE C 163 -23.88 -6.16 0.72
C ILE C 163 -23.98 -5.98 2.23
N ASP C 164 -22.89 -5.63 2.89
CA ASP C 164 -23.02 -5.31 4.30
C ASP C 164 -22.46 -3.94 4.63
N SER C 165 -22.50 -3.02 3.66
CA SER C 165 -22.43 -1.60 4.00
C SER C 165 -23.14 -0.84 2.90
N ASP C 166 -23.60 0.34 3.29
CA ASP C 166 -24.57 1.06 2.50
C ASP C 166 -23.94 1.84 1.36
N TYR C 167 -24.66 1.85 0.26
CA TYR C 167 -24.49 2.88 -0.76
C TYR C 167 -25.65 3.84 -0.51
N GLU C 168 -25.36 5.12 -0.33
CA GLU C 168 -26.41 6.12 -0.15
C GLU C 168 -26.62 6.82 -1.49
N LYS C 169 -27.71 6.46 -2.18
CA LYS C 169 -27.98 7.01 -3.50
C LYS C 169 -27.93 8.53 -3.48
N PRO C 170 -27.19 9.15 -4.40
CA PRO C 170 -27.20 10.61 -4.53
C PRO C 170 -28.59 11.20 -4.70
N GLU C 171 -28.91 12.17 -3.87
CA GLU C 171 -30.18 12.86 -3.91
C GLU C 171 -30.24 13.89 -5.05
N THR C 172 -29.17 14.67 -5.24
CA THR C 172 -29.18 15.72 -6.27
C THR C 172 -28.01 15.61 -7.24
N PRO C 173 -27.78 14.47 -7.89
CA PRO C 173 -26.62 14.42 -8.78
C PRO C 173 -26.93 15.29 -9.99
N GLU C 174 -25.88 15.66 -10.74
CA GLU C 174 -26.10 16.54 -11.90
C GLU C 174 -26.65 15.74 -13.08
N ARG C 175 -26.23 14.47 -13.19
CA ARG C 175 -26.72 13.46 -14.16
C ARG C 175 -26.85 12.12 -13.47
N VAL C 176 -27.83 11.32 -13.91
CA VAL C 176 -27.93 9.90 -13.59
C VAL C 176 -27.69 9.10 -14.87
N LEU C 177 -26.66 8.23 -14.85
CA LEU C 177 -26.35 7.32 -15.95
C LEU C 177 -26.89 5.95 -15.59
N LYS C 178 -27.97 5.54 -16.27
CA LYS C 178 -28.56 4.21 -16.11
C LYS C 178 -27.74 3.23 -16.95
N THR C 179 -26.70 2.63 -16.36
CA THR C 179 -25.75 1.83 -17.16
C THR C 179 -26.26 0.44 -17.56
N ASN C 180 -27.36 -0.01 -17.00
CA ASN C 180 -27.96 -1.22 -17.51
C ASN C 180 -29.03 -0.97 -18.58
N LEU C 181 -29.38 0.29 -18.86
CA LEU C 181 -30.47 0.63 -19.78
C LEU C 181 -29.98 1.44 -20.97
N SER C 182 -28.69 1.65 -21.11
CA SER C 182 -28.18 2.36 -22.27
C SER C 182 -26.70 2.06 -22.41
N THR C 183 -26.16 2.47 -23.55
CA THR C 183 -24.77 2.19 -23.88
C THR C 183 -23.81 3.13 -23.20
N VAL C 184 -22.55 2.71 -23.19
CA VAL C 184 -21.47 3.53 -22.66
C VAL C 184 -21.43 4.89 -23.34
N SER C 185 -21.50 4.92 -24.67
CA SER C 185 -21.44 6.18 -25.41
C SER C 185 -22.63 7.09 -25.10
N ASP C 186 -23.85 6.53 -24.96
CA ASP C 186 -24.97 7.39 -24.54
C ASP C 186 -24.70 7.99 -23.16
N CYS C 187 -24.16 7.20 -22.24
CA CYS C 187 -23.88 7.70 -20.89
C CYS C 187 -22.84 8.79 -20.93
N VAL C 188 -21.74 8.53 -21.65
CA VAL C 188 -20.73 9.56 -21.84
C VAL C 188 -21.42 10.80 -22.39
N HIS C 189 -22.13 10.65 -23.52
CA HIS C 189 -22.83 11.80 -24.11
C HIS C 189 -23.68 12.55 -23.08
N GLN C 190 -24.29 11.84 -22.13
CA GLN C 190 -25.05 12.51 -21.08
C GLN C 190 -24.17 13.44 -20.28
N VAL C 191 -22.94 13.01 -20.00
CA VAL C 191 -22.03 13.85 -19.24
C VAL C 191 -21.50 15.01 -20.11
N VAL C 192 -21.09 14.70 -21.33
CA VAL C 192 -20.62 15.71 -22.28
C VAL C 192 -21.64 16.84 -22.43
N GLU C 193 -22.92 16.52 -22.55
CA GLU C 193 -23.93 17.58 -22.67
C GLU C 193 -23.90 18.53 -21.47
N LEU C 194 -23.74 17.96 -20.27
CA LEU C 194 -23.69 18.77 -19.05
C LEU C 194 -22.48 19.71 -19.11
N LEU C 195 -21.33 19.19 -19.59
CA LEU C 195 -20.11 20.01 -19.69
C LEU C 195 -20.26 21.11 -20.73
N GLN C 196 -21.03 20.85 -21.79
CA GLN C 196 -21.36 21.88 -22.75
C GLN C 196 -22.18 22.97 -22.06
N GLU C 197 -23.25 22.58 -21.37
CA GLU C 197 -24.10 23.58 -20.72
C GLU C 197 -23.34 24.53 -19.80
N GLN C 198 -22.15 24.17 -19.34
CA GLN C 198 -21.26 24.91 -18.45
C GLN C 198 -20.04 25.48 -19.20
N ASN C 199 -20.11 25.51 -20.53
CA ASN C 199 -19.09 26.07 -21.39
C ASN C 199 -17.71 25.42 -21.19
N ILE C 200 -17.69 24.26 -20.57
CA ILE C 200 -16.45 23.55 -20.29
C ILE C 200 -16.03 22.89 -21.57
N VAL C 201 -16.99 22.47 -22.38
CA VAL C 201 -16.71 21.73 -23.58
C VAL C 201 -17.44 22.51 -24.65
N PRO C 202 -16.78 22.86 -25.76
CA PRO C 202 -17.44 23.58 -26.85
C PRO C 202 -18.55 22.74 -27.46
N TYR C 203 -19.58 23.43 -27.96
CA TYR C 203 -20.56 22.75 -28.79
C TYR C 203 -19.89 22.44 -30.13
N HIS D 9 -6.49 4.05 -19.62
CA HIS D 9 -6.39 5.49 -19.75
C HIS D 9 -5.91 5.82 -21.18
N VAL D 10 -5.99 7.10 -21.57
CA VAL D 10 -5.34 7.57 -22.80
C VAL D 10 -3.83 7.54 -22.57
N SER D 11 -3.06 7.21 -23.59
CA SER D 11 -1.63 7.12 -23.38
C SER D 11 -1.02 8.48 -23.06
N ARG D 12 0.10 8.41 -22.34
CA ARG D 12 0.88 9.61 -22.02
C ARG D 12 1.17 10.48 -23.23
N ASN D 13 1.61 9.87 -24.31
CA ASN D 13 1.91 10.68 -25.50
C ASN D 13 0.67 11.27 -26.20
N LYS D 14 -0.48 10.60 -26.18
CA LYS D 14 -1.67 11.28 -26.71
C LYS D 14 -2.14 12.45 -25.85
N ARG D 15 -2.33 12.24 -24.54
CA ARG D 15 -2.62 13.42 -23.70
C ARG D 15 -1.55 14.51 -23.89
N GLY D 16 -0.32 14.13 -24.23
CA GLY D 16 0.74 15.12 -24.38
C GLY D 16 0.55 16.08 -25.54
N GLN D 17 -0.20 15.68 -26.57
CA GLN D 17 -0.42 16.52 -27.73
C GLN D 17 -1.32 17.69 -27.36
N VAL D 18 -2.31 17.43 -26.51
CA VAL D 18 -3.49 18.24 -26.25
C VAL D 18 -3.27 19.10 -25.01
N VAL D 19 -2.31 18.74 -24.14
CA VAL D 19 -2.09 19.51 -22.91
C VAL D 19 -1.57 20.92 -23.19
N GLY D 20 -0.88 21.15 -24.29
CA GLY D 20 -0.45 22.50 -24.55
C GLY D 20 -0.32 22.71 -26.04
N THR D 21 0.21 23.86 -26.42
CA THR D 21 0.27 24.23 -27.82
C THR D 21 1.61 23.81 -28.41
N ARG D 22 2.59 23.56 -27.54
CA ARG D 22 3.82 22.84 -27.82
C ARG D 22 3.54 21.34 -27.77
N GLY D 23 3.78 20.66 -28.86
CA GLY D 23 3.59 19.22 -28.90
C GLY D 23 4.69 18.44 -28.20
N GLY D 24 4.32 17.26 -27.74
CA GLY D 24 5.19 16.31 -27.06
C GLY D 24 4.67 16.00 -25.68
N PHE D 25 5.51 15.38 -24.88
CA PHE D 25 5.08 15.04 -23.54
C PHE D 25 6.18 15.50 -22.58
N ARG D 26 5.92 16.58 -21.84
CA ARG D 26 6.93 17.17 -20.97
C ARG D 26 6.56 17.04 -19.50
N GLY D 27 5.69 16.10 -19.15
CA GLY D 27 5.43 15.91 -17.74
C GLY D 27 6.70 15.55 -17.01
N CYS D 28 6.85 16.11 -15.81
CA CYS D 28 8.03 15.89 -14.97
C CYS D 28 7.79 16.64 -13.67
N THR D 29 8.66 16.38 -12.70
CA THR D 29 8.64 17.10 -11.43
C THR D 29 9.97 17.80 -11.15
N VAL D 30 9.91 19.10 -10.93
CA VAL D 30 11.00 19.91 -10.42
C VAL D 30 10.84 19.94 -8.91
N TRP D 31 11.75 19.28 -8.20
CA TRP D 31 11.66 19.13 -6.76
C TRP D 31 12.66 20.06 -6.07
N LEU D 32 12.16 21.17 -5.56
CA LEU D 32 12.99 22.16 -4.89
C LEU D 32 13.15 21.76 -3.43
N THR D 33 14.37 21.84 -2.91
CA THR D 33 14.61 21.46 -1.51
C THR D 33 15.61 22.42 -0.89
N GLY D 34 15.44 22.73 0.39
CA GLY D 34 16.38 23.61 1.07
C GLY D 34 15.74 24.25 2.28
N LEU D 35 16.58 25.02 2.99
CA LEU D 35 16.21 25.56 4.29
C LEU D 35 15.02 26.51 4.14
N SER D 36 14.26 26.70 5.22
CA SER D 36 13.24 27.74 5.22
C SER D 36 13.90 29.09 4.90
N GLY D 37 13.37 29.80 3.90
CA GLY D 37 13.90 31.08 3.45
C GLY D 37 15.02 31.02 2.43
N ALA D 38 15.45 29.82 2.04
CA ALA D 38 16.49 29.72 1.02
C ALA D 38 16.03 30.21 -0.37
N GLY D 39 14.73 30.29 -0.63
CA GLY D 39 14.28 30.75 -1.94
C GLY D 39 13.45 29.77 -2.74
N LYS D 40 12.93 28.73 -2.10
CA LYS D 40 12.13 27.76 -2.85
C LYS D 40 10.91 28.41 -3.49
N THR D 41 10.06 29.08 -2.70
CA THR D 41 8.87 29.74 -3.24
C THR D 41 9.19 30.75 -4.35
N THR D 42 10.20 31.59 -4.13
CA THR D 42 10.66 32.58 -5.13
C THR D 42 11.09 31.91 -6.43
N ILE D 43 11.93 30.88 -6.33
CA ILE D 43 12.41 30.21 -7.53
C ILE D 43 11.26 29.52 -8.21
N SER D 44 10.35 28.98 -7.42
CA SER D 44 9.25 28.22 -7.99
C SER D 44 8.31 29.14 -8.74
N PHE D 45 8.04 30.31 -8.17
CA PHE D 45 7.21 31.33 -8.82
C PHE D 45 7.84 31.79 -10.13
N ALA D 46 9.12 32.10 -10.12
CA ALA D 46 9.73 32.62 -11.34
C ALA D 46 9.79 31.54 -12.41
N LEU D 47 10.04 30.29 -12.02
CA LEU D 47 9.94 29.18 -12.95
C LEU D 47 8.53 29.01 -13.52
N GLU D 48 7.51 28.99 -12.67
CA GLU D 48 6.14 28.93 -13.19
C GLU D 48 5.83 30.04 -14.19
N GLU D 49 6.21 31.29 -13.88
CA GLU D 49 6.07 32.40 -14.84
C GLU D 49 6.80 32.13 -16.16
N TYR D 50 8.05 31.67 -16.10
CA TYR D 50 8.75 31.33 -17.34
C TYR D 50 7.97 30.28 -18.14
N LEU D 51 7.51 29.23 -17.48
CA LEU D 51 6.90 28.13 -18.20
C LEU D 51 5.60 28.60 -18.84
N VAL D 52 4.76 29.29 -18.06
CA VAL D 52 3.49 29.81 -18.57
C VAL D 52 3.71 30.79 -19.71
N SER D 53 4.69 31.70 -19.56
CA SER D 53 5.07 32.66 -20.61
C SER D 53 5.57 31.96 -21.88
N HIS D 54 6.01 30.70 -21.78
CA HIS D 54 6.47 29.94 -22.93
C HIS D 54 5.47 28.87 -23.31
N ALA D 55 4.25 28.94 -22.77
CA ALA D 55 3.10 28.18 -23.22
C ALA D 55 3.23 26.71 -22.83
N ILE D 56 3.97 26.44 -21.75
CA ILE D 56 4.06 25.10 -21.18
C ILE D 56 3.22 25.02 -19.89
N PRO D 57 2.09 24.33 -19.93
CA PRO D 57 1.23 24.17 -18.73
C PRO D 57 2.03 23.58 -17.57
N CYS D 58 1.92 24.18 -16.40
CA CYS D 58 2.64 23.77 -15.20
C CYS D 58 1.75 23.96 -13.97
N TYR D 59 2.17 23.39 -12.83
CA TYR D 59 1.45 23.57 -11.57
C TYR D 59 2.36 23.45 -10.36
N SER D 60 2.13 24.32 -9.38
CA SER D 60 3.00 24.42 -8.22
C SER D 60 2.34 23.84 -6.96
N LEU D 61 3.06 22.95 -6.28
CA LEU D 61 2.66 22.43 -4.96
C LEU D 61 3.56 23.07 -3.91
N ASP D 62 2.94 23.61 -2.85
CA ASP D 62 3.72 24.16 -1.75
C ASP D 62 2.94 24.01 -0.45
N GLY D 63 3.45 24.62 0.62
CA GLY D 63 2.76 24.54 1.89
C GLY D 63 1.37 25.15 1.88
N ASP D 64 1.20 26.26 1.16
CA ASP D 64 -0.10 26.93 1.05
C ASP D 64 -1.22 26.06 0.50
N ASN D 65 -0.99 25.34 -0.62
CA ASN D 65 -2.09 24.52 -1.14
C ASN D 65 -2.07 23.08 -0.65
N VAL D 66 -1.01 22.60 -0.03
CA VAL D 66 -0.96 21.21 0.41
C VAL D 66 -1.23 21.08 1.89
N ARG D 67 -0.50 21.87 2.68
CA ARG D 67 -0.40 21.68 4.12
C ARG D 67 -1.71 21.90 4.84
N HIS D 68 -2.60 22.76 4.34
CA HIS D 68 -3.88 22.94 5.00
C HIS D 68 -5.03 22.28 4.23
N GLY D 69 -4.71 21.28 3.43
CA GLY D 69 -5.68 20.56 2.63
C GLY D 69 -5.38 19.09 2.69
N LEU D 70 -4.79 18.56 1.62
CA LEU D 70 -4.38 17.17 1.58
C LEU D 70 -3.64 16.74 2.83
N ASN D 71 -2.69 17.55 3.28
CA ASN D 71 -1.83 17.17 4.38
C ASN D 71 -2.20 17.90 5.67
N ARG D 72 -3.44 18.38 5.76
CA ARG D 72 -3.87 19.12 6.94
C ARG D 72 -3.89 18.33 8.24
N ASN D 73 -3.90 17.00 8.17
CA ASN D 73 -3.89 16.19 9.38
C ASN D 73 -2.47 15.76 9.74
N LEU D 74 -1.48 16.39 9.14
CA LEU D 74 -0.08 16.10 9.37
C LEU D 74 0.62 17.26 10.08
N GLY D 75 1.45 16.96 11.06
CA GLY D 75 2.26 18.01 11.65
C GLY D 75 3.73 17.87 11.22
N PHE D 76 4.67 18.17 12.12
CA PHE D 76 6.07 18.27 11.74
C PHE D 76 6.99 17.26 12.38
N SER D 77 6.45 16.24 13.06
CA SER D 77 7.34 15.23 13.59
C SER D 77 7.99 14.54 12.38
N PRO D 78 9.17 13.93 12.58
CA PRO D 78 9.82 13.25 11.44
C PRO D 78 8.96 12.23 10.70
N GLY D 79 8.21 11.38 11.44
CA GLY D 79 7.32 10.45 10.76
C GLY D 79 6.24 11.16 9.97
N ASP D 80 5.70 12.25 10.54
CA ASP D 80 4.69 13.04 9.83
C ASP D 80 5.29 13.77 8.64
N ARG D 81 6.53 14.26 8.74
CA ARG D 81 7.09 14.92 7.56
C ARG D 81 7.37 13.90 6.47
N GLU D 82 7.62 12.66 6.87
CA GLU D 82 7.91 11.62 5.90
C GLU D 82 6.62 11.26 5.17
N GLU D 83 5.50 11.20 5.90
CA GLU D 83 4.20 11.03 5.24
C GLU D 83 3.86 12.24 4.37
N ASN D 84 4.12 13.45 4.88
CA ASN D 84 3.93 14.67 4.12
C ASN D 84 4.59 14.57 2.76
N ILE D 85 5.86 14.21 2.76
CA ILE D 85 6.62 14.25 1.52
C ILE D 85 6.18 13.08 0.65
N ARG D 86 5.78 11.95 1.26
CA ARG D 86 5.34 10.81 0.46
C ARG D 86 4.07 11.19 -0.31
N ARG D 87 3.08 11.72 0.41
CA ARG D 87 1.85 12.13 -0.24
C ARG D 87 2.11 13.16 -1.35
N ILE D 88 2.89 14.21 -1.03
CA ILE D 88 3.31 15.19 -2.02
C ILE D 88 3.90 14.51 -3.25
N ALA D 89 4.82 13.58 -3.04
CA ALA D 89 5.50 12.92 -4.16
C ALA D 89 4.51 12.16 -5.03
N GLU D 90 3.56 11.48 -4.41
CA GLU D 90 2.59 10.73 -5.20
C GLU D 90 1.74 11.68 -6.05
N VAL D 91 1.32 12.82 -5.47
CA VAL D 91 0.46 13.76 -6.19
C VAL D 91 1.26 14.41 -7.32
N ALA D 92 2.49 14.85 -7.04
CA ALA D 92 3.42 15.32 -8.07
C ALA D 92 3.51 14.32 -9.23
N LYS D 93 3.71 13.04 -8.90
CA LYS D 93 3.74 12.01 -9.93
C LYS D 93 2.46 12.02 -10.75
N LEU D 94 1.30 12.19 -10.10
CA LEU D 94 0.04 12.29 -10.86
C LEU D 94 0.03 13.51 -11.79
N PHE D 95 0.54 14.66 -11.36
CA PHE D 95 0.61 15.80 -12.29
C PHE D 95 1.61 15.60 -13.42
N ALA D 96 2.78 15.01 -13.14
CA ALA D 96 3.73 14.68 -14.22
C ALA D 96 3.09 13.74 -15.22
N ASP D 97 2.42 12.71 -14.72
CA ASP D 97 1.80 11.72 -15.59
C ASP D 97 0.72 12.36 -16.46
N ALA D 98 0.07 13.41 -15.96
CA ALA D 98 -0.88 14.18 -16.77
C ALA D 98 -0.24 15.06 -17.81
N GLY D 99 1.09 15.21 -17.80
CA GLY D 99 1.77 16.00 -18.80
C GLY D 99 2.12 17.42 -18.36
N LEU D 100 1.81 17.80 -17.12
CA LEU D 100 2.16 19.12 -16.62
C LEU D 100 3.56 19.08 -16.03
N VAL D 101 4.23 20.24 -16.00
CA VAL D 101 5.46 20.38 -15.22
C VAL D 101 5.02 20.70 -13.79
N CYS D 102 5.32 19.79 -12.87
CA CYS D 102 4.98 19.95 -11.46
C CYS D 102 6.19 20.47 -10.69
N ILE D 103 6.02 21.62 -10.02
CA ILE D 103 7.07 22.27 -9.24
C ILE D 103 6.73 22.19 -7.76
N THR D 104 7.57 21.53 -6.94
CA THR D 104 7.29 21.43 -5.51
C THR D 104 8.29 22.32 -4.73
N SER D 105 7.82 22.93 -3.63
CA SER D 105 8.67 23.85 -2.84
C SER D 105 8.60 23.58 -1.34
N PHE D 106 8.89 22.35 -0.95
CA PHE D 106 8.93 21.88 0.42
C PHE D 106 10.40 21.78 0.84
N ILE D 107 10.68 22.20 2.07
CA ILE D 107 12.00 22.00 2.67
C ILE D 107 12.53 20.58 2.51
N SER D 108 11.66 19.61 2.66
CA SER D 108 11.88 18.18 2.51
C SER D 108 13.27 17.82 3.01
N PRO D 109 13.40 17.79 4.34
CA PRO D 109 14.73 17.81 4.96
C PRO D 109 15.55 16.55 4.71
N PHE D 110 14.90 15.38 4.59
CA PHE D 110 15.57 14.08 4.61
C PHE D 110 15.85 13.50 3.22
N ALA D 111 17.11 13.14 2.98
CA ALA D 111 17.49 12.52 1.71
C ALA D 111 16.65 11.29 1.36
N LYS D 112 16.36 10.43 2.34
CA LYS D 112 15.59 9.19 2.11
C LYS D 112 14.26 9.45 1.43
N ASP D 113 13.48 10.39 1.99
CA ASP D 113 12.20 10.78 1.42
C ASP D 113 12.37 11.40 0.03
N ARG D 114 13.46 12.16 -0.20
CA ARG D 114 13.65 12.80 -1.50
C ARG D 114 13.96 11.73 -2.55
N GLU D 115 14.79 10.76 -2.17
CA GLU D 115 15.19 9.71 -3.09
C GLU D 115 14.02 8.79 -3.34
N ASN D 116 13.14 8.61 -2.33
CA ASN D 116 11.86 7.93 -2.54
C ASN D 116 10.93 8.68 -3.50
N ALA D 117 10.80 10.00 -3.37
CA ALA D 117 10.09 10.78 -4.37
C ALA D 117 10.64 10.53 -5.78
N ARG D 118 11.98 10.62 -5.91
CA ARG D 118 12.62 10.34 -7.19
C ARG D 118 12.23 8.98 -7.72
N LYS D 119 12.32 7.97 -6.86
CA LYS D 119 12.11 6.60 -7.29
C LYS D 119 10.66 6.40 -7.76
N ILE D 120 9.70 7.00 -7.07
CA ILE D 120 8.34 6.84 -7.53
C ILE D 120 8.14 7.50 -8.90
N HIS D 121 8.83 8.61 -9.18
CA HIS D 121 8.78 9.18 -10.54
C HIS D 121 9.50 8.33 -11.58
N GLU D 122 10.72 7.89 -11.27
CA GLU D 122 11.52 7.10 -12.21
C GLU D 122 10.87 5.75 -12.51
N SER D 123 10.33 5.10 -11.49
CA SER D 123 9.58 3.84 -11.67
C SER D 123 8.51 3.96 -12.75
N ALA D 124 7.84 5.12 -12.83
CA ALA D 124 6.77 5.42 -13.78
C ALA D 124 7.26 6.04 -15.10
N GLY D 125 8.58 6.09 -15.32
CA GLY D 125 9.15 6.78 -16.47
C GLY D 125 8.95 8.29 -16.50
N LEU D 126 8.88 8.93 -15.34
CA LEU D 126 8.63 10.35 -15.37
C LEU D 126 9.90 11.05 -14.89
N PRO D 127 10.40 12.09 -15.59
CA PRO D 127 11.61 12.79 -15.13
C PRO D 127 11.38 13.45 -13.78
N PHE D 128 12.42 13.37 -12.93
CA PHE D 128 12.44 13.95 -11.58
C PHE D 128 13.71 14.76 -11.47
N PHE D 129 13.59 16.09 -11.23
CA PHE D 129 14.77 16.93 -11.11
C PHE D 129 14.95 17.50 -9.70
N GLU D 130 15.96 17.05 -8.98
CA GLU D 130 16.16 17.57 -7.65
C GLU D 130 17.08 18.80 -7.68
N ILE D 131 16.58 19.88 -7.08
CA ILE D 131 17.18 21.21 -7.13
C ILE D 131 17.40 21.72 -5.71
N PHE D 132 18.67 21.76 -5.32
CA PHE D 132 19.08 22.22 -4.00
C PHE D 132 19.11 23.74 -3.99
N VAL D 133 18.15 24.35 -3.31
CA VAL D 133 18.08 25.79 -3.15
C VAL D 133 18.88 26.06 -1.88
N ASP D 134 20.13 26.44 -2.08
CA ASP D 134 21.14 26.41 -1.04
C ASP D 134 21.55 27.82 -0.62
N ALA D 135 21.19 28.23 0.59
CA ALA D 135 21.70 29.45 1.17
C ALA D 135 22.16 29.13 2.58
N PRO D 136 23.13 29.88 3.12
CA PRO D 136 23.53 29.62 4.51
C PRO D 136 22.42 29.94 5.49
N LEU D 137 22.43 29.15 6.57
CA LEU D 137 21.43 29.28 7.62
C LEU D 137 21.33 30.71 8.13
N ASN D 138 22.49 31.32 8.39
CA ASN D 138 22.50 32.70 8.85
C ASN D 138 21.82 33.64 7.87
N ILE D 139 22.01 33.42 6.57
CA ILE D 139 21.36 34.24 5.55
C ILE D 139 19.84 34.04 5.53
N CYS D 140 19.40 32.77 5.57
CA CYS D 140 17.98 32.42 5.71
C CYS D 140 17.37 33.05 6.92
N GLU D 141 18.10 33.01 8.01
CA GLU D 141 17.60 33.54 9.26
C GLU D 141 17.55 35.06 9.26
N SER D 142 18.49 35.71 8.56
CA SER D 142 18.46 37.17 8.48
C SER D 142 17.38 37.62 7.54
N ARG D 143 16.96 36.76 6.62
CA ARG D 143 15.86 37.12 5.74
C ARG D 143 14.58 37.02 6.54
N ASP D 144 14.49 35.99 7.40
CA ASP D 144 13.30 35.62 8.16
C ASP D 144 12.07 36.13 7.46
N VAL D 145 11.79 35.50 6.31
CA VAL D 145 10.74 35.95 5.41
C VAL D 145 9.43 36.04 6.16
N LYS D 146 9.13 35.01 6.96
CA LYS D 146 7.83 34.88 7.61
C LYS D 146 7.91 35.06 9.12
N GLY D 147 9.09 35.35 9.68
CA GLY D 147 9.26 35.49 11.12
C GLY D 147 9.37 34.18 11.88
N LEU D 148 9.55 33.05 11.19
CA LEU D 148 9.70 31.74 11.83
C LEU D 148 10.98 31.60 12.66
N TYR D 149 12.12 32.06 12.15
CA TYR D 149 13.37 31.89 12.89
C TYR D 149 13.32 32.53 14.27
N LYS D 150 12.70 33.70 14.38
CA LYS D 150 12.71 34.37 15.67
C LYS D 150 11.81 33.67 16.68
N ARG D 151 10.68 33.14 16.22
CA ARG D 151 9.78 32.33 17.05
C ARG D 151 10.39 30.98 17.47
N ALA D 152 11.00 30.26 16.53
CA ALA D 152 11.65 28.99 16.84
C ALA D 152 12.75 29.18 17.87
N ARG D 153 13.58 30.22 17.68
CA ARG D 153 14.66 30.46 18.64
C ARG D 153 14.13 30.69 20.04
N ALA D 154 13.00 31.38 20.16
CA ALA D 154 12.36 31.73 21.42
C ALA D 154 11.58 30.55 21.99
N GLY D 155 11.55 29.40 21.28
CA GLY D 155 10.97 28.13 21.73
C GLY D 155 9.49 27.94 21.46
N GLU D 156 8.81 28.90 20.83
CA GLU D 156 7.39 28.81 20.45
C GLU D 156 7.13 27.86 19.28
N ILE D 157 8.16 27.54 18.51
CA ILE D 157 8.11 26.51 17.47
C ILE D 157 9.16 25.49 17.85
N LYS D 158 8.84 24.21 17.72
CA LYS D 158 9.85 23.21 17.97
C LYS D 158 10.15 22.40 16.72
N GLY D 159 11.28 21.71 16.76
CA GLY D 159 11.55 20.93 15.61
C GLY D 159 11.78 21.77 14.40
N PHE D 160 12.12 23.04 14.56
CA PHE D 160 12.21 23.89 13.38
C PHE D 160 13.51 23.61 12.65
N THR D 161 13.37 23.18 11.39
CA THR D 161 14.51 22.75 10.58
C THR D 161 15.62 23.78 10.46
N GLY D 162 16.87 23.33 10.67
CA GLY D 162 17.98 24.24 10.68
C GLY D 162 18.44 24.67 12.05
N ILE D 163 17.52 24.69 13.00
CA ILE D 163 17.77 25.14 14.36
C ILE D 163 17.76 23.95 15.32
N ASP D 164 16.60 23.29 15.46
CA ASP D 164 16.47 22.06 16.24
C ASP D 164 15.89 20.90 15.44
N SER D 165 16.15 20.85 14.13
CA SER D 165 16.03 19.60 13.39
C SER D 165 16.94 19.67 12.18
N ASP D 166 17.30 18.51 11.69
CA ASP D 166 18.38 18.45 10.72
C ASP D 166 17.87 18.78 9.33
N TYR D 167 18.68 19.50 8.55
CA TYR D 167 18.60 19.51 7.10
C TYR D 167 19.71 18.61 6.57
N GLU D 168 19.38 17.65 5.74
CA GLU D 168 20.38 16.77 5.12
C GLU D 168 20.64 17.25 3.70
N LYS D 169 21.76 17.93 3.54
CA LYS D 169 22.15 18.56 2.28
C LYS D 169 22.09 17.54 1.12
N PRO D 170 21.41 17.84 0.01
CA PRO D 170 21.49 16.94 -1.15
C PRO D 170 22.92 16.72 -1.62
N GLU D 171 23.29 15.45 -1.75
CA GLU D 171 24.63 15.10 -2.22
C GLU D 171 24.75 15.20 -3.73
N THR D 172 23.78 14.68 -4.48
CA THR D 172 23.85 14.67 -5.94
C THR D 172 22.64 15.29 -6.64
N PRO D 173 22.28 16.52 -6.29
CA PRO D 173 21.09 17.14 -6.90
C PRO D 173 21.40 17.46 -8.36
N GLU D 174 20.35 17.73 -9.12
CA GLU D 174 20.61 18.01 -10.52
C GLU D 174 21.13 19.44 -10.64
N ARG D 175 20.67 20.34 -9.76
CA ARG D 175 21.24 21.70 -9.74
C ARG D 175 21.42 22.19 -8.31
N VAL D 176 22.47 23.01 -8.09
CA VAL D 176 22.60 23.78 -6.85
C VAL D 176 22.43 25.27 -7.18
N LEU D 177 21.44 25.90 -6.58
CA LEU D 177 21.22 27.34 -6.69
C LEU D 177 21.76 27.99 -5.43
N LYS D 178 22.89 28.70 -5.55
CA LYS D 178 23.49 29.48 -4.46
C LYS D 178 22.74 30.82 -4.41
N THR D 179 21.65 30.86 -3.62
CA THR D 179 20.75 32.01 -3.65
C THR D 179 21.28 33.22 -2.90
N ASN D 180 22.36 33.07 -2.16
CA ASN D 180 23.00 34.21 -1.54
C ASN D 180 24.08 34.84 -2.42
N LEU D 181 24.45 34.21 -3.53
CA LEU D 181 25.56 34.68 -4.35
C LEU D 181 25.17 35.03 -5.78
N SER D 182 23.90 35.04 -6.10
CA SER D 182 23.49 35.44 -7.44
C SER D 182 22.01 35.78 -7.41
N THR D 183 21.57 36.35 -8.53
CA THR D 183 20.22 36.82 -8.62
C THR D 183 19.25 35.69 -8.87
N VAL D 184 17.98 36.01 -8.64
CA VAL D 184 16.85 35.12 -8.92
C VAL D 184 16.93 34.69 -10.39
N SER D 185 17.21 35.66 -11.27
CA SER D 185 17.28 35.37 -12.70
C SER D 185 18.36 34.36 -13.08
N ASP D 186 19.54 34.50 -12.49
CA ASP D 186 20.60 33.50 -12.73
C ASP D 186 20.17 32.13 -12.26
N CYS D 187 19.54 32.06 -11.08
CA CYS D 187 19.10 30.80 -10.48
C CYS D 187 18.03 30.09 -11.34
N VAL D 188 17.02 30.86 -11.73
CA VAL D 188 16.01 30.36 -12.65
C VAL D 188 16.70 29.80 -13.89
N HIS D 189 17.53 30.64 -14.54
CA HIS D 189 18.22 30.18 -15.77
C HIS D 189 18.92 28.83 -15.58
N GLN D 190 19.49 28.58 -14.40
CA GLN D 190 20.10 27.28 -14.16
C GLN D 190 19.08 26.16 -14.26
N VAL D 191 17.87 26.40 -13.75
CA VAL D 191 16.86 25.34 -13.82
C VAL D 191 16.32 25.20 -15.24
N VAL D 192 15.96 26.33 -15.87
CA VAL D 192 15.48 26.29 -17.26
C VAL D 192 16.47 25.53 -18.14
N GLU D 193 17.78 25.82 -17.99
CA GLU D 193 18.80 25.12 -18.77
C GLU D 193 18.72 23.61 -18.54
N LEU D 194 18.47 23.21 -17.29
CA LEU D 194 18.38 21.78 -17.05
C LEU D 194 17.19 21.23 -17.82
N LEU D 195 16.08 21.99 -17.84
CA LEU D 195 14.88 21.53 -18.55
C LEU D 195 15.08 21.48 -20.07
N GLN D 196 15.88 22.39 -20.63
CA GLN D 196 16.23 22.29 -22.05
C GLN D 196 17.04 21.04 -22.29
N GLU D 197 18.11 20.86 -21.51
CA GLU D 197 18.93 19.68 -21.69
C GLU D 197 18.11 18.39 -21.56
N GLN D 198 16.94 18.44 -20.91
CA GLN D 198 16.12 17.24 -20.70
C GLN D 198 14.91 17.17 -21.61
N ASN D 199 14.92 17.96 -22.68
CA ASN D 199 13.88 17.99 -23.71
C ASN D 199 12.49 18.36 -23.17
N ILE D 200 12.44 18.94 -21.97
CA ILE D 200 11.19 19.40 -21.35
C ILE D 200 10.82 20.77 -21.90
N VAL D 201 11.81 21.61 -22.19
CA VAL D 201 11.55 22.97 -22.62
C VAL D 201 12.36 23.09 -23.91
N PRO D 202 11.74 23.53 -25.00
CA PRO D 202 12.48 23.68 -26.27
C PRO D 202 13.59 24.72 -26.18
N TYR D 203 14.63 24.50 -26.99
CA TYR D 203 15.70 25.50 -27.23
C TYR D 203 15.26 26.71 -28.04
PB ADP E . 2.27 -15.23 -13.39
O1B ADP E . 2.34 -13.75 -13.68
O2B ADP E . 3.61 -15.95 -13.51
O3B ADP E . 1.61 -15.65 -12.10
PA ADP E . -0.28 -16.08 -14.62
O1A ADP E . -1.16 -14.91 -14.20
O2A ADP E . -0.56 -17.45 -14.04
O3A ADP E . 1.33 -15.77 -14.61
O5' ADP E . -0.48 -16.14 -16.21
C5' ADP E . -0.35 -17.37 -16.94
C4' ADP E . -1.31 -17.31 -18.12
O4' ADP E . -0.83 -18.23 -19.11
C3' ADP E . -2.70 -17.76 -17.70
O3' ADP E . -3.67 -16.99 -18.42
C2' ADP E . -2.75 -19.21 -18.13
O2' ADP E . -4.08 -19.58 -18.52
C1' ADP E . -1.82 -19.27 -19.33
N9 ADP E . -1.18 -20.61 -19.42
C8 ADP E . -1.26 -21.43 -20.47
N7 ADP E . -0.60 -22.60 -20.23
C5 ADP E . -0.10 -22.52 -18.98
C6 ADP E . 0.71 -23.42 -18.10
N6 ADP E . 1.10 -24.65 -18.53
N1 ADP E . 1.02 -22.95 -16.85
C2 ADP E . 0.64 -21.74 -16.41
N3 ADP E . -0.10 -20.89 -17.17
C4 ADP E . -0.49 -21.23 -18.43
SB ADX F . 9.24 -9.42 -7.45
O1B ADX F . 10.33 -9.06 -8.44
O2B ADX F . 9.36 -8.53 -6.22
O3B ADX F . 9.44 -10.86 -6.95
PA ADX F . 6.41 -9.75 -7.56
O1A ADX F . 6.41 -9.52 -6.08
O2A ADX F . 6.07 -11.09 -8.08
O3A ADX F . 7.87 -9.22 -8.15
O5' ADX F . 5.37 -8.74 -8.30
C5' ADX F . 5.01 -8.86 -9.70
C4' ADX F . 3.62 -8.22 -9.88
O4' ADX F . 3.74 -6.79 -9.97
C3' ADX F . 2.97 -8.54 -11.21
O3' ADX F . 1.62 -8.09 -11.22
C2' ADX F . 3.63 -7.67 -12.04
O2' ADX F . 3.71 -7.88 -13.37
C1' ADX F . 4.01 -6.63 -11.29
N9 ADX F . 4.75 -5.56 -11.63
C8 ADX F . 4.42 -4.26 -11.63
N7 ADX F . 5.52 -3.55 -11.95
C5 ADX F . 6.53 -4.39 -12.12
C6 ADX F . 7.83 -4.21 -12.46
N6 ADX F . 8.29 -2.99 -12.66
N1 ADX F . 8.68 -5.25 -12.57
C2 ADX F . 8.19 -6.53 -12.35
N3 ADX F . 6.84 -6.69 -12.02
C4 ADX F . 6.05 -5.62 -11.91
PB ADP G . 5.83 -11.98 28.73
O1B ADP G . 4.58 -11.13 28.95
O2B ADP G . 5.70 -13.02 27.66
O3B ADP G . 7.13 -11.23 28.61
PA ADP G . 6.39 -14.37 30.30
O1A ADP G . 7.63 -14.59 29.47
O2A ADP G . 5.18 -15.27 30.17
O3A ADP G . 5.94 -12.80 30.14
O5' ADP G . 6.80 -14.45 31.86
C5' ADP G . 5.73 -14.46 32.84
C4' ADP G . 6.12 -15.10 34.16
O4' ADP G . 5.01 -15.04 35.07
C3' ADP G . 6.43 -16.58 33.97
O3' ADP G . 7.64 -16.91 34.66
C2' ADP G . 5.24 -17.28 34.59
O2' ADP G . 5.54 -18.56 35.14
C1' ADP G . 4.79 -16.30 35.66
N9 ADP G . 3.34 -16.42 35.94
C8 ADP G . 2.80 -16.63 37.16
N7 ADP G . 1.47 -16.69 37.11
C5 ADP G . 1.10 -16.53 35.82
C6 ADP G . -0.18 -16.49 35.07
N6 ADP G . -1.38 -16.65 35.70
N1 ADP G . -0.11 -16.30 33.74
C2 ADP G . 1.05 -16.15 33.11
N3 ADP G . 2.25 -16.19 33.71
C4 ADP G . 2.33 -16.36 35.05
SB ADX H . 6.39 -4.19 20.56
O1B ADX H . 6.86 -3.75 19.15
O2B ADX H . 6.25 -2.98 21.46
O3B ADX H . 5.05 -4.93 20.41
PA ADX H . 7.59 -6.68 20.82
O1A ADX H . 8.52 -7.06 19.72
O2A ADX H . 6.95 -7.66 21.75
O3A ADX H . 7.47 -5.09 21.23
O5' ADX H . 8.91 -6.57 21.78
C5' ADX H . 9.23 -7.67 22.63
C4' ADX H . 10.73 -7.67 22.83
O4' ADX H . 10.94 -6.33 23.02
C3' ADX H . 11.14 -8.21 24.18
O3' ADX H . 11.33 -9.65 24.19
C2' ADX H . 12.31 -7.47 24.37
O2' ADX H . 13.37 -7.81 25.13
C1' ADX H . 12.12 -6.35 23.69
N9 ADX H . 12.83 -5.21 23.71
C8 ADX H . 14.05 -4.76 23.45
N7 ADX H . 14.08 -3.42 23.66
C5 ADX H . 12.87 -3.03 24.10
C6 ADX H . 12.32 -1.85 24.49
N6 ADX H . 13.07 -0.75 24.48
N1 ADX H . 11.05 -1.74 24.89
C2 ADX H . 10.26 -2.89 24.90
N3 ADX H . 10.84 -4.08 24.50
C4 ADX H . 12.12 -4.14 24.11
PB ADP I . -16.77 0.35 -11.67
O1B ADP I . -18.01 1.14 -11.33
O2B ADP I . -15.65 1.17 -12.26
O3B ADP I . -16.38 -0.66 -10.59
PA ADP I . -16.36 -0.96 -14.12
O1A ADP I . -16.30 0.20 -15.12
O2A ADP I . -15.09 -1.55 -13.54
O3A ADP I . -17.31 -0.51 -12.90
O5' ADP I . -17.22 -2.18 -14.76
C5' ADP I . -18.55 -1.98 -15.29
C4' ADP I . -18.94 -3.12 -16.24
O4' ADP I . -20.24 -2.89 -16.85
C3' ADP I . -17.93 -3.26 -17.36
O3' ADP I . -17.59 -4.64 -17.53
C2' ADP I . -18.69 -2.62 -18.53
O2' ADP I . -18.25 -3.07 -19.80
C1' ADP I . -20.14 -2.93 -18.27
N9 ADP I . -21.08 -1.91 -18.82
C8 ADP I . -22.15 -2.21 -19.59
N7 ADP I . -22.85 -1.12 -19.95
C5 ADP I . -22.22 -0.07 -19.39
C6 ADP I . -22.45 1.39 -19.37
N6 ADP I . -23.51 1.91 -20.04
N1 ADP I . -21.59 2.17 -18.67
C2 ADP I . -20.56 1.62 -17.99
N3 ADP I . -20.30 0.30 -17.98
C4 ADP I . -21.07 -0.59 -18.65
SB ADX J . -14.60 4.07 -1.67
O1B ADX J . -15.88 3.75 -0.94
O2B ADX J . -14.63 5.47 -2.25
O3B ADX J . -13.49 3.90 -0.63
PA ADX J . -13.00 2.91 -3.64
O1A ADX J . -12.14 4.05 -3.76
O2A ADX J . -12.52 1.79 -2.81
O3A ADX J . -14.44 3.17 -2.92
O5' ADX J . -13.32 2.08 -4.95
C5' ADX J . -13.77 0.73 -4.58
C4' ADX J . -12.90 -0.38 -5.15
O4' ADX J . -12.32 -1.19 -4.10
C3' ADX J . -13.75 -1.39 -5.97
O3' ADX J . -13.07 -1.78 -7.15
C2' ADX J . -13.87 -2.48 -5.16
O2' ADX J . -14.69 -3.48 -5.49
C1' ADX J . -13.02 -2.37 -4.11
N9 ADX J . -12.97 -3.02 -2.93
C8 ADX J . -12.09 -3.73 -2.19
N7 ADX J . -12.62 -3.97 -0.96
C5 ADX J . -13.82 -3.38 -0.89
C6 ADX J . -14.77 -3.28 0.07
N6 ADX J . -14.56 -3.87 1.25
N1 ADX J . -15.93 -2.61 -0.12
C2 ADX J . -16.13 -2.00 -1.34
N3 ADX J . -15.14 -2.10 -2.33
C4 ADX J . -14.01 -2.80 -2.09
PB ADP K . 11.45 29.52 1.04
O1B ADP K . 10.34 29.27 0.07
O2B ADP K . 12.63 28.60 0.78
O3B ADP K . 10.92 29.55 2.47
PA ADP K . 11.34 32.28 0.05
O1A ADP K . 9.99 32.50 0.68
O2A ADP K . 11.43 32.24 -1.45
O3A ADP K . 12.09 30.98 0.69
O5' ADP K . 12.25 33.53 0.54
C5' ADP K . 13.52 33.75 -0.06
C4' ADP K . 13.92 35.21 0.04
O4' ADP K . 15.26 35.37 -0.48
C3' ADP K . 12.97 35.99 -0.84
O3' ADP K . 12.60 37.22 -0.19
C2' ADP K . 13.77 36.28 -2.07
O2' ADP K . 13.29 37.47 -2.69
C1' ADP K . 15.19 36.35 -1.53
N9 ADP K . 16.20 35.98 -2.54
C8 ADP K . 17.29 36.72 -2.80
N7 ADP K . 18.03 36.16 -3.78
C5 ADP K . 17.39 35.03 -4.15
C6 ADP K . 17.64 33.98 -5.14
N6 ADP K . 18.75 34.06 -5.92
N1 ADP K . 16.72 32.99 -5.24
C2 ADP K . 15.63 32.93 -4.45
N3 ADP K . 15.35 33.87 -3.52
C4 ADP K . 16.18 34.92 -3.34
SB ADX L . 8.64 19.53 5.39
O1B ADX L . 7.39 18.68 5.67
O2B ADX L . 9.06 19.29 3.95
O3B ADX L . 9.77 19.11 6.35
PA ADX L . 7.24 21.82 4.66
O1A ADX L . 8.00 22.38 3.51
O2A ADX L . 6.04 21.01 4.42
O3A ADX L . 8.28 21.01 5.64
O5' ADX L . 6.80 23.07 5.55
C5' ADX L . 7.29 24.37 5.23
C4' ADX L . 6.84 25.18 6.42
O4' ADX L . 7.57 24.73 7.53
C3' ADX L . 7.25 26.62 6.52
O3' ADX L . 6.66 27.48 5.52
C2' ADX L . 6.72 26.78 7.81
O2' ADX L . 6.09 27.87 8.35
C1' ADX L . 7.00 25.61 8.38
N9 ADX L . 6.81 25.18 9.61
C8 ADX L . 5.80 25.27 10.49
N7 ADX L . 6.16 24.60 11.59
C5 ADX L . 7.39 24.09 11.39
C6 ADX L . 8.21 23.36 12.17
N6 ADX L . 7.74 23.05 13.39
N1 ADX L . 9.43 22.94 11.77
C2 ADX L . 9.87 23.29 10.49
N3 ADX L . 9.01 24.06 9.71
C4 ADX L . 7.78 24.44 10.17
#